data_9B2Y
#
_entry.id   9B2Y
#
_cell.length_a   69.410
_cell.length_b   51.660
_cell.length_c   134.980
_cell.angle_alpha   90.00
_cell.angle_beta   103.86
_cell.angle_gamma   90.00
#
_symmetry.space_group_name_H-M   'P 1 21 1'
#
loop_
_entity.id
_entity.type
_entity.pdbx_description
1 polymer 'Kynurenine 3-monooxygenase'
2 non-polymer 'FLAVIN-ADENINE DINUCLEOTIDE'
3 non-polymer 'CHLORIDE ION'
4 non-polymer 1-(3-chlorophenyl)-2-(2H-tetrazol-5-yl)ethan-1-one
5 water water
#
_entity_poly.entity_id   1
_entity_poly.type   'polypeptide(L)'
_entity_poly.pdbx_seq_one_letter_code
;MTATDNARQVTIIGAGLAGTLVARLLARNGWQVNLFERRPDPRIETGARGRSINLALAERGAHALRLAGLEREVLAEAVM
MRGRMVHVPGTPPNLQPYGRDDSEVIWSINRDRLNRILLDGAEAAGASIHFNLGLDSVDFARQRLTLSNVSGERLEKRFH
LLIGADGCNSAVRQAMASVVDLGEHLETQPHGYKELQITPEASAQFNLEPNALHIWPHGDYMCIALPNLDRSFTVTLFLH
HQSPAAQPASPSFAQLVDGHAARRFFQRQFPDLSPMLDSLEQDFEHHPTGKLATLRLTTWHVGGQAVLLGDAAHPMVPFH
GQGMNCALEDAVALAEHLQSAADNASALAAFTAQRQPDALAIQAMALENYVEMSSKVASPTYLLERELGQIMAQRQPTRF
IPRYSMVTFSRLPYAQAMARGQIQEQLLKFAVANHSDLTSINLDAVEHEVTRCLPPLSHLS
;
_entity_poly.pdbx_strand_id   A,B
#
loop_
_chem_comp.id
_chem_comp.type
_chem_comp.name
_chem_comp.formula
A1AI5 non-polymer 1-(3-chlorophenyl)-2-(2H-tetrazol-5-yl)ethan-1-one 'C9 H7 Cl N4 O'
CL non-polymer 'CHLORIDE ION' 'Cl -1'
FAD non-polymer 'FLAVIN-ADENINE DINUCLEOTIDE' 'C27 H33 N9 O15 P2'
#
# COMPACT_ATOMS: atom_id res chain seq x y z
N ALA A 7 0.50 45.09 19.87
CA ALA A 7 0.90 43.69 19.96
C ALA A 7 -0.32 42.79 20.12
N ARG A 8 -0.39 41.74 19.30
CA ARG A 8 -1.48 40.79 19.40
CA ARG A 8 -1.48 40.78 19.40
C ARG A 8 -1.35 39.97 20.68
N GLN A 9 -2.45 39.82 21.40
CA GLN A 9 -2.50 39.12 22.68
C GLN A 9 -2.97 37.68 22.50
N VAL A 10 -2.38 36.78 23.29
CA VAL A 10 -2.71 35.36 23.25
C VAL A 10 -2.66 34.80 24.66
N THR A 11 -3.62 33.92 24.96
CA THR A 11 -3.71 33.21 26.23
C THR A 11 -3.50 31.73 25.92
N ILE A 12 -2.58 31.09 26.63
CA ILE A 12 -2.26 29.69 26.41
C ILE A 12 -2.54 28.91 27.69
N ILE A 13 -3.32 27.84 27.57
CA ILE A 13 -3.62 26.95 28.70
C ILE A 13 -2.71 25.73 28.58
N GLY A 14 -1.96 25.44 29.65
CA GLY A 14 -1.03 24.33 29.65
C GLY A 14 0.40 24.71 29.32
N ALA A 15 1.25 24.80 30.34
CA ALA A 15 2.68 24.99 30.11
C ALA A 15 3.38 23.63 30.02
N GLY A 16 2.86 22.82 29.10
CA GLY A 16 3.46 21.55 28.78
C GLY A 16 4.49 21.74 27.69
N LEU A 17 4.63 20.75 26.81
CA LEU A 17 5.68 20.83 25.80
C LEU A 17 5.25 21.73 24.65
N ALA A 18 4.04 21.50 24.13
CA ALA A 18 3.54 22.32 23.03
C ALA A 18 3.29 23.76 23.50
N GLY A 19 2.69 23.94 24.67
CA GLY A 19 2.32 25.28 25.11
C GLY A 19 3.52 26.18 25.33
N THR A 20 4.57 25.64 25.96
CA THR A 20 5.74 26.46 26.23
C THR A 20 6.50 26.76 24.94
N LEU A 21 6.55 25.82 24.00
CA LEU A 21 7.21 26.10 22.73
C LEU A 21 6.49 27.19 21.97
N VAL A 22 5.17 27.06 21.81
CA VAL A 22 4.46 28.06 21.02
C VAL A 22 4.49 29.41 21.73
N ALA A 23 4.49 29.41 23.06
CA ALA A 23 4.63 30.64 23.83
C ALA A 23 5.94 31.35 23.49
N ARG A 24 7.05 30.59 23.46
CA ARG A 24 8.34 31.17 23.11
C ARG A 24 8.30 31.76 21.70
N LEU A 25 7.73 31.03 20.75
CA LEU A 25 7.78 31.43 19.35
C LEU A 25 6.98 32.70 19.12
N LEU A 26 5.81 32.79 19.75
CA LEU A 26 5.00 34.00 19.62
C LEU A 26 5.61 35.16 20.40
N ALA A 27 6.16 34.89 21.59
CA ALA A 27 6.68 35.98 22.41
C ALA A 27 7.86 36.67 21.75
N ARG A 28 8.78 35.91 21.15
CA ARG A 28 9.88 36.56 20.48
C ARG A 28 9.46 37.20 19.16
N ASN A 29 8.27 36.86 18.64
CA ASN A 29 7.66 37.58 17.54
C ASN A 29 6.82 38.77 17.99
N GLY A 30 6.87 39.12 19.28
CA GLY A 30 6.27 40.36 19.74
C GLY A 30 4.89 40.23 20.33
N TRP A 31 4.32 39.03 20.34
CA TRP A 31 3.02 38.77 20.94
C TRP A 31 3.08 39.00 22.45
N GLN A 32 2.00 39.55 23.00
CA GLN A 32 1.81 39.59 24.44
C GLN A 32 1.29 38.22 24.86
N VAL A 33 2.14 37.40 25.49
CA VAL A 33 1.82 36.01 25.73
C VAL A 33 1.67 35.77 27.24
N ASN A 34 0.50 35.25 27.62
CA ASN A 34 0.21 34.84 28.99
C ASN A 34 -0.13 33.36 28.98
N LEU A 35 0.55 32.62 29.84
CA LEU A 35 0.46 31.17 29.86
C LEU A 35 0.03 30.74 31.26
N PHE A 36 -0.96 29.85 31.33
CA PHE A 36 -1.51 29.39 32.60
C PHE A 36 -1.29 27.89 32.72
N GLU A 37 -0.86 27.46 33.91
CA GLU A 37 -0.51 26.08 34.16
C GLU A 37 -1.10 25.64 35.50
N ARG A 38 -1.75 24.48 35.51
N ARG A 38 -1.75 24.48 35.52
CA ARG A 38 -2.40 23.98 36.72
CA ARG A 38 -2.39 24.02 36.76
C ARG A 38 -1.38 23.50 37.76
C ARG A 38 -1.37 23.52 37.77
N ARG A 39 -0.25 22.97 37.32
CA ARG A 39 0.76 22.45 38.23
C ARG A 39 1.64 23.58 38.78
N PRO A 40 2.36 23.34 39.87
CA PRO A 40 3.33 24.33 40.33
C PRO A 40 4.52 24.42 39.37
N ASP A 41 5.26 25.51 39.47
CA ASP A 41 6.49 25.66 38.68
C ASP A 41 7.47 24.56 39.07
N PRO A 42 7.90 23.71 38.14
CA PRO A 42 8.88 22.66 38.49
C PRO A 42 10.30 23.20 38.69
N ARG A 43 10.58 24.45 38.35
CA ARG A 43 11.92 24.98 38.60
C ARG A 43 12.10 25.43 40.05
N ILE A 44 11.03 25.56 40.82
CA ILE A 44 11.15 25.86 42.24
C ILE A 44 11.45 24.55 42.95
N GLU A 45 12.67 24.41 43.44
CA GLU A 45 13.07 23.14 44.03
C GLU A 45 12.38 22.96 45.37
N THR A 46 11.84 21.76 45.59
CA THR A 46 11.23 21.40 46.86
C THR A 46 11.93 20.16 47.42
N GLY A 47 11.49 19.73 48.59
CA GLY A 47 12.02 18.53 49.17
C GLY A 47 11.40 17.25 48.67
N ALA A 48 10.49 17.33 47.69
CA ALA A 48 9.83 16.14 47.17
C ALA A 48 10.73 15.39 46.19
N ARG A 49 10.57 14.08 46.14
CA ARG A 49 11.34 13.22 45.24
C ARG A 49 10.57 13.12 43.92
N GLY A 50 10.93 13.97 42.96
CA GLY A 50 10.26 13.94 41.67
C GLY A 50 10.56 12.65 40.92
N ARG A 51 9.53 12.09 40.29
CA ARG A 51 9.63 10.88 39.48
C ARG A 51 9.35 11.27 38.03
N SER A 52 10.41 11.41 37.24
CA SER A 52 10.27 11.82 35.85
C SER A 52 10.63 10.67 34.92
N ILE A 53 10.09 10.73 33.70
CA ILE A 53 10.37 9.70 32.72
C ILE A 53 11.09 10.33 31.53
N ASN A 54 11.74 9.48 30.74
CA ASN A 54 12.47 9.93 29.57
C ASN A 54 11.60 9.83 28.34
N LEU A 55 11.92 10.65 27.34
CA LEU A 55 11.16 10.74 26.10
C LEU A 55 12.11 10.62 24.92
N ALA A 56 11.63 9.99 23.86
CA ALA A 56 12.43 9.82 22.65
C ALA A 56 12.27 11.05 21.77
N LEU A 57 13.32 11.87 21.71
CA LEU A 57 13.34 13.06 20.88
C LEU A 57 13.95 12.73 19.53
N ALA A 58 13.21 12.99 18.46
CA ALA A 58 13.58 12.69 17.10
C ALA A 58 13.69 13.97 16.28
N GLU A 59 13.92 13.82 14.97
CA GLU A 59 14.28 14.97 14.15
C GLU A 59 13.17 16.03 14.14
N ARG A 60 11.92 15.60 14.06
CA ARG A 60 10.81 16.55 14.07
C ARG A 60 10.85 17.41 15.33
N GLY A 61 10.95 16.78 16.49
CA GLY A 61 11.06 17.53 17.72
C GLY A 61 12.34 18.34 17.79
N ALA A 62 13.45 17.72 17.37
CA ALA A 62 14.73 18.41 17.42
C ALA A 62 14.73 19.63 16.52
N HIS A 63 14.15 19.52 15.32
CA HIS A 63 14.05 20.66 14.44
C HIS A 63 13.19 21.76 15.02
N ALA A 64 12.07 21.39 15.65
CA ALA A 64 11.23 22.39 16.29
C ALA A 64 12.01 23.14 17.36
N LEU A 65 12.85 22.43 18.12
CA LEU A 65 13.68 23.12 19.10
C LEU A 65 14.76 23.95 18.42
N ARG A 66 15.29 23.46 17.28
CA ARG A 66 16.28 24.21 16.53
C ARG A 66 15.73 25.57 16.08
N LEU A 67 14.52 25.60 15.52
CA LEU A 67 13.96 26.88 15.12
C LEU A 67 13.75 27.79 16.31
N ALA A 68 13.53 27.22 17.49
CA ALA A 68 13.30 28.04 18.67
C ALA A 68 14.61 28.49 19.33
N GLY A 69 15.77 28.10 18.79
CA GLY A 69 17.04 28.40 19.42
C GLY A 69 17.32 27.64 20.70
N LEU A 70 16.68 26.49 20.89
CA LEU A 70 16.82 25.74 22.14
C LEU A 70 17.44 24.37 21.97
N GLU A 71 17.84 23.98 20.76
CA GLU A 71 18.23 22.59 20.53
C GLU A 71 19.53 22.26 21.26
N ARG A 72 20.54 23.12 21.13
CA ARG A 72 21.82 22.84 21.77
C ARG A 72 21.64 22.62 23.27
N GLU A 73 20.85 23.47 23.91
CA GLU A 73 20.61 23.34 25.34
C GLU A 73 19.93 22.02 25.68
N VAL A 74 18.95 21.59 24.86
CA VAL A 74 18.24 20.36 25.18
C VAL A 74 19.14 19.15 24.99
N LEU A 75 19.85 19.10 23.87
CA LEU A 75 20.70 17.96 23.56
C LEU A 75 21.84 17.80 24.56
N ALA A 76 22.28 18.90 25.16
CA ALA A 76 23.35 18.81 26.16
C ALA A 76 22.93 17.97 27.34
N GLU A 77 21.62 17.84 27.57
CA GLU A 77 21.08 17.07 28.68
C GLU A 77 20.40 15.78 28.21
N ALA A 78 20.69 15.34 26.99
CA ALA A 78 20.06 14.15 26.41
C ALA A 78 21.08 13.04 26.17
N VAL A 79 20.64 11.79 26.33
CA VAL A 79 21.48 10.62 26.09
C VAL A 79 21.30 10.17 24.64
N MET A 80 22.41 10.01 23.93
CA MET A 80 22.38 9.62 22.53
C MET A 80 22.02 8.13 22.39
N MET A 81 21.02 7.83 21.58
CA MET A 81 20.64 6.46 21.30
C MET A 81 20.99 6.21 19.82
N ARG A 82 22.08 5.48 19.59
CA ARG A 82 22.57 5.23 18.24
CA ARG A 82 22.57 5.23 18.25
C ARG A 82 21.86 4.08 17.55
N GLY A 83 21.07 3.30 18.27
CA GLY A 83 20.40 2.18 17.66
C GLY A 83 19.36 1.60 18.59
N ARG A 84 18.73 0.53 18.14
CA ARG A 84 17.69 -0.15 18.88
C ARG A 84 18.27 -1.47 19.40
N MET A 85 18.23 -1.67 20.72
CA MET A 85 18.78 -2.89 21.33
C MET A 85 17.63 -3.87 21.59
N VAL A 86 17.50 -4.87 20.74
CA VAL A 86 16.39 -5.81 20.79
C VAL A 86 16.78 -7.02 21.62
N HIS A 87 16.04 -7.28 22.69
CA HIS A 87 16.24 -8.43 23.55
C HIS A 87 15.17 -9.46 23.19
N VAL A 88 15.51 -10.41 22.34
CA VAL A 88 14.60 -11.47 21.91
C VAL A 88 15.14 -12.79 22.43
N PRO A 89 14.33 -13.60 23.12
CA PRO A 89 14.86 -14.81 23.75
C PRO A 89 15.42 -15.78 22.71
N GLY A 90 16.46 -16.50 23.12
CA GLY A 90 17.14 -17.47 22.28
C GLY A 90 18.42 -16.95 21.65
N THR A 91 18.54 -15.64 21.47
CA THR A 91 19.69 -14.98 20.87
C THR A 91 20.23 -13.94 21.85
N PRO A 92 21.50 -13.55 21.72
CA PRO A 92 22.03 -12.46 22.54
C PRO A 92 21.38 -11.14 22.16
N PRO A 93 21.41 -10.14 23.05
CA PRO A 93 20.87 -8.83 22.70
C PRO A 93 21.50 -8.31 21.42
N ASN A 94 20.64 -7.84 20.51
CA ASN A 94 21.05 -7.48 19.16
C ASN A 94 20.86 -5.99 18.97
N LEU A 95 21.94 -5.29 18.65
CA LEU A 95 21.88 -3.85 18.40
C LEU A 95 21.55 -3.62 16.93
N GLN A 96 20.48 -2.88 16.68
CA GLN A 96 20.08 -2.53 15.33
C GLN A 96 20.27 -1.03 15.15
N PRO A 97 21.32 -0.59 14.45
CA PRO A 97 21.58 0.84 14.32
C PRO A 97 20.44 1.55 13.59
N TYR A 98 20.29 2.83 13.91
CA TYR A 98 19.23 3.65 13.32
C TYR A 98 19.63 4.14 11.94
N GLY A 99 18.65 4.24 11.05
CA GLY A 99 18.85 4.87 9.75
C GLY A 99 19.89 4.17 8.91
N ARG A 100 20.75 4.97 8.27
CA ARG A 100 21.79 4.48 7.38
C ARG A 100 23.20 4.81 7.86
N ASP A 101 23.41 5.99 8.44
CA ASP A 101 24.72 6.43 8.87
C ASP A 101 24.78 6.48 10.40
N ASP A 102 25.86 7.08 10.92
CA ASP A 102 26.04 7.29 12.34
C ASP A 102 25.51 8.64 12.82
N SER A 103 24.99 9.46 11.91
CA SER A 103 24.41 10.75 12.28
C SER A 103 22.95 10.63 12.68
N GLU A 104 22.26 9.57 12.27
CA GLU A 104 20.86 9.37 12.61
C GLU A 104 20.78 8.71 13.97
N VAL A 105 20.29 9.47 14.95
CA VAL A 105 20.17 9.03 16.33
C VAL A 105 18.90 9.63 16.90
N ILE A 106 18.42 9.02 17.96
CA ILE A 106 17.32 9.52 18.77
C ILE A 106 17.90 9.90 20.12
N TRP A 107 17.36 10.96 20.71
CA TRP A 107 17.85 11.48 21.97
C TRP A 107 16.87 11.13 23.08
N SER A 108 17.38 10.56 24.16
CA SER A 108 16.57 10.30 25.34
C SER A 108 16.69 11.50 26.27
N ILE A 109 15.61 12.26 26.42
CA ILE A 109 15.60 13.47 27.25
C ILE A 109 14.61 13.28 28.38
N ASN A 110 15.02 13.65 29.59
CA ASN A 110 14.12 13.61 30.74
C ASN A 110 13.00 14.62 30.56
N ARG A 111 11.76 14.18 30.80
CA ARG A 111 10.61 15.07 30.61
CA ARG A 111 10.61 15.07 30.62
C ARG A 111 10.74 16.33 31.45
N ASP A 112 11.21 16.20 32.69
CA ASP A 112 11.31 17.35 33.58
C ASP A 112 12.40 18.31 33.11
N ARG A 113 13.58 17.76 32.77
CA ARG A 113 14.65 18.59 32.24
C ARG A 113 14.19 19.38 31.02
N LEU A 114 13.48 18.72 30.11
CA LEU A 114 13.02 19.43 28.91
C LEU A 114 12.03 20.54 29.28
N ASN A 115 11.07 20.24 30.17
CA ASN A 115 10.07 21.23 30.55
C ASN A 115 10.72 22.47 31.16
N ARG A 116 11.75 22.28 31.99
CA ARG A 116 12.44 23.42 32.59
CA ARG A 116 12.45 23.40 32.60
C ARG A 116 13.15 24.26 31.54
N ILE A 117 13.77 23.61 30.56
CA ILE A 117 14.46 24.35 29.51
C ILE A 117 13.45 25.15 28.69
N LEU A 118 12.29 24.57 28.41
CA LEU A 118 11.26 25.28 27.65
C LEU A 118 10.66 26.41 28.47
N LEU A 119 10.47 26.19 29.78
CA LEU A 119 9.94 27.24 30.64
C LEU A 119 10.89 28.43 30.68
N ASP A 120 12.16 28.18 30.97
CA ASP A 120 13.19 29.22 30.87
C ASP A 120 13.14 29.86 29.48
N GLY A 121 13.00 29.03 28.44
CA GLY A 121 13.03 29.56 27.09
C GLY A 121 11.87 30.48 26.79
N ALA A 122 10.69 30.16 27.32
CA ALA A 122 9.52 31.02 27.10
C ALA A 122 9.67 32.33 27.85
N GLU A 123 10.13 32.28 29.10
CA GLU A 123 10.29 33.50 29.89
C GLU A 123 11.33 34.43 29.30
N ALA A 124 12.41 33.88 28.72
CA ALA A 124 13.42 34.75 28.11
C ALA A 124 12.87 35.47 26.88
N ALA A 125 11.95 34.85 26.15
CA ALA A 125 11.35 35.51 24.99
C ALA A 125 10.28 36.53 25.39
N GLY A 126 9.96 36.61 26.68
CA GLY A 126 9.06 37.61 27.19
C GLY A 126 7.69 37.13 27.62
N ALA A 127 7.38 35.85 27.44
CA ALA A 127 6.09 35.33 27.90
C ALA A 127 6.02 35.29 29.43
N SER A 128 4.81 35.48 29.95
CA SER A 128 4.55 35.42 31.38
C SER A 128 3.86 34.10 31.71
N ILE A 129 4.40 33.37 32.68
CA ILE A 129 3.88 32.05 33.03
C ILE A 129 3.28 32.13 34.42
N HIS A 130 2.03 31.68 34.54
CA HIS A 130 1.28 31.73 35.78
C HIS A 130 0.93 30.30 36.16
N PHE A 131 1.54 29.81 37.22
CA PHE A 131 1.38 28.45 37.70
C PHE A 131 0.29 28.38 38.76
N ASN A 132 -0.09 27.14 39.10
CA ASN A 132 -1.05 26.85 40.16
C ASN A 132 -2.44 27.41 39.83
N LEU A 133 -2.77 27.42 38.54
CA LEU A 133 -4.06 27.92 38.06
C LEU A 133 -4.55 26.99 36.96
N GLY A 134 -5.60 26.24 37.25
CA GLY A 134 -6.20 25.34 36.28
C GLY A 134 -7.44 25.95 35.67
N LEU A 135 -7.57 25.81 34.35
CA LEU A 135 -8.77 26.28 33.67
C LEU A 135 -9.96 25.40 34.05
N ASP A 136 -11.09 26.05 34.34
CA ASP A 136 -12.33 25.37 34.70
C ASP A 136 -13.41 25.44 33.62
N SER A 137 -13.57 26.60 32.98
CA SER A 137 -14.61 26.75 31.96
C SER A 137 -14.25 27.94 31.08
N VAL A 138 -14.94 28.03 29.94
CA VAL A 138 -14.77 29.14 29.03
C VAL A 138 -16.15 29.65 28.64
N ASP A 139 -16.33 30.97 28.67
CA ASP A 139 -17.50 31.62 28.09
C ASP A 139 -17.05 32.23 26.76
N PHE A 140 -17.30 31.51 25.67
CA PHE A 140 -16.85 32.00 24.37
C PHE A 140 -17.63 33.24 23.93
N ALA A 141 -18.88 33.38 24.37
CA ALA A 141 -19.66 34.55 23.95
C ALA A 141 -19.09 35.83 24.53
N ARG A 142 -18.74 35.82 25.83
CA ARG A 142 -18.24 36.99 26.53
C ARG A 142 -16.72 37.06 26.56
N GLN A 143 -16.04 36.12 25.89
CA GLN A 143 -14.57 36.12 25.80
C GLN A 143 -13.91 36.17 27.17
N ARG A 144 -14.46 35.40 28.12
CA ARG A 144 -13.90 35.26 29.44
C ARG A 144 -13.69 33.78 29.75
N LEU A 145 -12.78 33.51 30.68
CA LEU A 145 -12.58 32.16 31.18
C LEU A 145 -12.43 32.22 32.69
N THR A 146 -12.56 31.06 33.32
CA THR A 146 -12.47 30.94 34.77
C THR A 146 -11.36 29.96 35.13
N LEU A 147 -10.48 30.38 36.03
CA LEU A 147 -9.38 29.57 36.53
C LEU A 147 -9.56 29.37 38.03
N SER A 148 -8.83 28.39 38.57
CA SER A 148 -8.85 28.16 40.02
C SER A 148 -7.58 27.40 40.42
N ASN A 149 -7.23 27.54 41.69
CA ASN A 149 -6.18 26.74 42.29
C ASN A 149 -6.76 25.43 42.83
N VAL A 150 -5.90 24.61 43.47
CA VAL A 150 -6.33 23.30 43.95
C VAL A 150 -7.40 23.44 45.02
N SER A 151 -7.40 24.56 45.76
CA SER A 151 -8.42 24.81 46.77
C SER A 151 -9.74 25.25 46.17
N GLY A 152 -9.76 25.64 44.90
CA GLY A 152 -10.99 26.02 44.23
C GLY A 152 -11.33 27.49 44.22
N GLU A 153 -10.40 28.37 44.58
CA GLU A 153 -10.65 29.80 44.52
C GLU A 153 -10.65 30.27 43.06
N ARG A 154 -11.75 30.85 42.61
CA ARG A 154 -11.95 31.12 41.20
C ARG A 154 -11.41 32.49 40.80
N LEU A 155 -10.92 32.57 39.58
CA LEU A 155 -10.39 33.82 39.03
C LEU A 155 -10.82 33.93 37.58
N GLU A 156 -11.42 35.06 37.22
CA GLU A 156 -11.83 35.30 35.84
C GLU A 156 -10.79 36.12 35.08
N LYS A 157 -10.69 35.85 33.78
CA LYS A 157 -9.78 36.57 32.89
C LYS A 157 -10.43 36.81 31.53
N ARG A 158 -10.21 38.01 30.99
CA ARG A 158 -10.53 38.29 29.59
C ARG A 158 -9.53 37.58 28.68
N PHE A 159 -9.96 37.22 27.48
CA PHE A 159 -9.03 36.64 26.52
C PHE A 159 -9.46 37.02 25.11
N HIS A 160 -8.47 37.18 24.23
CA HIS A 160 -8.69 37.43 22.81
CA HIS A 160 -8.74 37.41 22.81
C HIS A 160 -8.52 36.16 21.97
N LEU A 161 -7.43 35.42 22.21
CA LEU A 161 -7.13 34.17 21.54
C LEU A 161 -6.73 33.14 22.58
N LEU A 162 -7.36 31.97 22.54
CA LEU A 162 -7.16 30.93 23.54
C LEU A 162 -6.52 29.73 22.86
N ILE A 163 -5.35 29.32 23.35
CA ILE A 163 -4.64 28.16 22.82
C ILE A 163 -4.75 27.04 23.84
N GLY A 164 -5.34 25.92 23.42
CA GLY A 164 -5.46 24.76 24.28
C GLY A 164 -4.29 23.82 24.13
N ALA A 165 -3.32 23.92 25.04
CA ALA A 165 -2.17 23.04 25.07
C ALA A 165 -2.13 22.27 26.38
N ASP A 166 -3.31 21.87 26.86
CA ASP A 166 -3.50 21.36 28.22
C ASP A 166 -3.71 19.84 28.26
N GLY A 167 -3.12 19.11 27.31
CA GLY A 167 -2.93 17.68 27.47
C GLY A 167 -4.10 16.83 26.99
N CYS A 168 -3.96 15.52 27.24
CA CYS A 168 -4.95 14.54 26.79
CA CYS A 168 -4.95 14.56 26.77
C CYS A 168 -6.34 14.87 27.30
N ASN A 169 -6.45 15.25 28.56
CA ASN A 169 -7.74 15.60 29.17
C ASN A 169 -7.99 17.09 29.16
N SER A 170 -7.74 17.70 28.00
CA SER A 170 -7.81 19.14 27.83
C SER A 170 -9.12 19.75 28.32
N ALA A 171 -9.01 20.81 29.13
CA ALA A 171 -10.20 21.56 29.54
C ALA A 171 -10.66 22.53 28.47
N VAL A 172 -9.73 23.05 27.64
CA VAL A 172 -10.15 23.87 26.51
C VAL A 172 -10.98 23.03 25.53
N ARG A 173 -10.55 21.79 25.29
CA ARG A 173 -11.31 20.92 24.40
C ARG A 173 -12.73 20.70 24.92
N GLN A 174 -12.87 20.43 26.23
CA GLN A 174 -14.18 20.21 26.81
C GLN A 174 -15.05 21.46 26.72
N ALA A 175 -14.46 22.63 26.93
CA ALA A 175 -15.24 23.87 26.83
C ALA A 175 -15.60 24.19 25.38
N MET A 176 -14.73 23.83 24.43
CA MET A 176 -15.05 24.02 23.03
C MET A 176 -16.25 23.17 22.59
N ALA A 177 -16.46 22.02 23.26
CA ALA A 177 -17.55 21.12 22.89
C ALA A 177 -18.92 21.71 23.14
N SER A 178 -19.01 22.85 23.83
CA SER A 178 -20.29 23.51 24.07
C SER A 178 -20.74 24.38 22.91
N VAL A 179 -19.82 24.85 22.08
CA VAL A 179 -20.14 25.76 21.00
C VAL A 179 -20.05 25.11 19.62
N VAL A 180 -19.23 24.08 19.46
CA VAL A 180 -19.10 23.39 18.18
C VAL A 180 -19.07 21.89 18.43
N ASP A 181 -19.59 21.14 17.47
CA ASP A 181 -19.46 19.68 17.51
C ASP A 181 -18.06 19.35 17.02
N LEU A 182 -17.18 19.01 17.95
CA LEU A 182 -15.82 18.63 17.58
C LEU A 182 -15.77 17.31 16.83
N GLY A 183 -16.87 16.56 16.79
CA GLY A 183 -16.90 15.25 16.16
C GLY A 183 -15.91 14.29 16.81
N GLU A 184 -15.94 14.19 18.14
CA GLU A 184 -14.96 13.39 18.84
C GLU A 184 -15.30 11.91 18.74
N HIS A 185 -14.27 11.10 18.54
CA HIS A 185 -14.40 9.64 18.55
C HIS A 185 -13.25 9.10 19.40
N LEU A 186 -13.57 8.71 20.63
CA LEU A 186 -12.59 8.08 21.49
C LEU A 186 -12.49 6.61 21.15
N GLU A 187 -11.27 6.14 20.89
CA GLU A 187 -10.99 4.74 20.65
C GLU A 187 -10.01 4.31 21.75
N THR A 188 -10.52 3.58 22.74
CA THR A 188 -9.71 3.15 23.87
C THR A 188 -8.81 1.99 23.47
N GLN A 189 -7.69 1.88 24.16
CA GLN A 189 -6.70 0.84 23.91
C GLN A 189 -6.80 -0.22 25.00
N PRO A 190 -6.83 -1.52 24.64
CA PRO A 190 -6.86 -2.56 25.67
C PRO A 190 -5.55 -2.70 26.44
N HIS A 191 -4.49 -2.02 26.02
CA HIS A 191 -3.21 -2.08 26.72
C HIS A 191 -3.12 -0.94 27.74
N GLY A 192 -2.70 -1.29 28.96
CA GLY A 192 -2.23 -0.32 29.92
C GLY A 192 -0.72 -0.35 29.99
N TYR A 193 -0.17 0.57 30.77
CA TYR A 193 1.28 0.63 30.94
C TYR A 193 1.62 0.83 32.42
N LYS A 194 2.80 0.35 32.80
CA LYS A 194 3.33 0.50 34.15
C LYS A 194 4.80 0.89 34.02
N GLU A 195 5.19 1.94 34.74
CA GLU A 195 6.53 2.51 34.64
C GLU A 195 7.38 2.00 35.79
N LEU A 196 8.46 1.31 35.46
CA LEU A 196 9.37 0.72 36.41
C LEU A 196 10.74 1.39 36.28
N GLN A 197 11.64 1.06 37.21
CA GLN A 197 12.94 1.73 37.28
C GLN A 197 14.06 0.72 37.35
N ILE A 198 15.15 1.03 36.64
CA ILE A 198 16.42 0.33 36.80
C ILE A 198 17.42 1.34 37.32
N THR A 199 17.96 1.08 38.51
CA THR A 199 18.93 1.99 39.11
C THR A 199 20.21 2.04 38.29
N PRO A 200 21.00 3.11 38.47
CA PRO A 200 22.33 3.16 37.85
C PRO A 200 23.21 1.97 38.20
N GLU A 201 23.21 1.57 39.48
CA GLU A 201 23.97 0.40 39.91
C GLU A 201 23.50 -0.86 39.18
N ALA A 202 22.17 -1.07 39.09
CA ALA A 202 21.67 -2.28 38.46
C ALA A 202 22.05 -2.33 36.98
N SER A 203 21.85 -1.23 36.27
CA SER A 203 22.17 -1.22 34.85
C SER A 203 23.65 -1.47 34.62
N ALA A 204 24.50 -0.86 35.44
CA ALA A 204 25.94 -1.07 35.31
C ALA A 204 26.32 -2.51 35.65
N GLN A 205 25.68 -3.10 36.66
CA GLN A 205 25.99 -4.46 37.08
C GLN A 205 25.68 -5.47 35.97
N PHE A 206 24.62 -5.23 35.19
CA PHE A 206 24.27 -6.17 34.15
C PHE A 206 24.67 -5.70 32.76
N ASN A 207 25.49 -4.64 32.67
CA ASN A 207 26.07 -4.17 31.40
C ASN A 207 25.00 -3.80 30.38
N LEU A 208 23.97 -3.10 30.83
CA LEU A 208 22.93 -2.62 29.93
C LEU A 208 23.44 -1.39 29.17
N GLU A 209 23.49 -1.49 27.84
CA GLU A 209 24.07 -0.43 27.02
C GLU A 209 23.38 0.92 27.25
N PRO A 210 24.10 1.95 27.72
CA PRO A 210 23.45 3.24 27.95
C PRO A 210 23.07 3.98 26.67
N ASN A 211 23.77 3.76 25.57
CA ASN A 211 23.55 4.57 24.37
C ASN A 211 22.73 3.82 23.33
N ALA A 212 21.59 3.30 23.77
CA ALA A 212 20.68 2.56 22.90
C ALA A 212 19.30 2.58 23.53
N LEU A 213 18.28 2.42 22.69
CA LEU A 213 16.92 2.20 23.15
C LEU A 213 16.65 0.70 23.17
N HIS A 214 16.20 0.19 24.32
CA HIS A 214 16.04 -1.24 24.53
C HIS A 214 14.59 -1.67 24.37
N ILE A 215 14.40 -2.86 23.79
CA ILE A 215 13.08 -3.43 23.54
C ILE A 215 13.10 -4.89 23.97
N TRP A 216 12.11 -5.27 24.77
CA TRP A 216 11.86 -6.68 25.05
C TRP A 216 10.54 -7.08 24.39
N PRO A 217 10.54 -7.41 23.11
CA PRO A 217 9.30 -7.82 22.45
C PRO A 217 8.80 -9.15 23.00
N HIS A 218 7.47 -9.28 23.08
CA HIS A 218 6.85 -10.50 23.58
C HIS A 218 5.41 -10.65 23.10
N GLY A 219 5.17 -10.40 21.81
CA GLY A 219 3.85 -10.59 21.26
C GLY A 219 2.82 -9.61 21.78
N ASP A 220 1.91 -10.09 22.62
CA ASP A 220 0.83 -9.25 23.12
C ASP A 220 1.24 -8.38 24.30
N TYR A 221 2.43 -8.57 24.85
CA TYR A 221 3.00 -7.67 25.84
C TYR A 221 4.46 -7.42 25.50
N MET A 222 5.05 -6.42 26.14
CA MET A 222 6.42 -6.03 25.84
C MET A 222 6.89 -5.01 26.87
N CYS A 223 8.20 -4.79 26.87
CA CYS A 223 8.82 -3.72 27.65
C CYS A 223 9.72 -2.89 26.75
N ILE A 224 9.91 -1.64 27.14
CA ILE A 224 10.88 -0.75 26.52
C ILE A 224 11.60 -0.01 27.64
N ALA A 225 12.82 0.41 27.35
CA ALA A 225 13.62 1.10 28.34
C ALA A 225 14.40 2.20 27.66
N LEU A 226 14.43 3.37 28.30
CA LEU A 226 15.17 4.52 27.82
C LEU A 226 16.11 4.99 28.92
N PRO A 227 17.33 5.39 28.59
CA PRO A 227 18.32 5.73 29.62
C PRO A 227 18.27 7.20 29.99
N ASN A 228 18.73 7.49 31.21
N ASN A 228 18.77 7.46 31.20
CA ASN A 228 18.92 8.88 31.63
CA ASN A 228 18.95 8.80 31.76
C ASN A 228 20.41 9.15 31.82
C ASN A 228 20.43 9.15 31.76
N LEU A 229 20.74 10.41 32.13
CA LEU A 229 22.12 10.84 32.21
C LEU A 229 22.89 10.11 33.31
N ASP A 230 22.21 9.64 34.35
CA ASP A 230 22.88 9.01 35.49
C ASP A 230 22.99 7.50 35.34
N ARG A 231 22.72 6.96 34.15
CA ARG A 231 22.76 5.53 33.79
C ARG A 231 21.54 4.79 34.30
N SER A 232 20.63 5.46 34.99
CA SER A 232 19.38 4.80 35.29
C SER A 232 18.57 4.68 34.00
N PHE A 233 17.58 3.77 34.03
CA PHE A 233 16.65 3.60 32.94
C PHE A 233 15.24 3.64 33.49
N THR A 234 14.32 4.21 32.71
CA THR A 234 12.90 4.10 32.99
C THR A 234 12.31 3.03 32.08
N VAL A 235 11.63 2.05 32.66
CA VAL A 235 11.12 0.89 31.93
C VAL A 235 9.60 0.97 31.87
N THR A 236 9.04 0.82 30.68
CA THR A 236 7.60 0.79 30.49
C THR A 236 7.17 -0.61 30.07
N LEU A 237 6.29 -1.21 30.87
CA LEU A 237 5.66 -2.48 30.54
C LEU A 237 4.32 -2.21 29.89
N PHE A 238 4.10 -2.74 28.70
CA PHE A 238 2.81 -2.64 28.01
C PHE A 238 2.13 -4.00 28.09
N LEU A 239 0.94 -4.04 28.68
CA LEU A 239 0.25 -5.30 28.96
C LEU A 239 -1.25 -5.06 29.00
N HIS A 240 -2.01 -6.07 28.58
CA HIS A 240 -3.47 -5.96 28.55
C HIS A 240 -3.99 -5.64 29.95
N HIS A 241 -4.93 -4.69 30.01
CA HIS A 241 -5.64 -4.43 31.26
C HIS A 241 -6.27 -5.72 31.78
N GLN A 242 -7.10 -6.37 30.97
CA GLN A 242 -7.82 -7.58 31.34
C GLN A 242 -7.50 -8.70 30.38
N SER A 243 -7.66 -9.93 30.85
CA SER A 243 -7.51 -11.09 29.99
C SER A 243 -8.83 -11.39 29.29
N PRO A 244 -8.84 -11.53 27.97
CA PRO A 244 -10.10 -11.86 27.27
C PRO A 244 -10.60 -13.25 27.65
N ALA A 245 -11.91 -13.45 27.51
CA ALA A 245 -12.48 -14.75 27.81
C ALA A 245 -12.01 -15.82 26.83
N ALA A 246 -11.66 -15.41 25.60
CA ALA A 246 -11.12 -16.35 24.62
C ALA A 246 -9.76 -16.89 25.08
N GLN A 247 -8.91 -16.04 25.65
CA GLN A 247 -7.63 -16.43 26.20
C GLN A 247 -7.61 -16.10 27.69
N PRO A 248 -8.32 -16.89 28.51
CA PRO A 248 -8.49 -16.51 29.92
C PRO A 248 -7.19 -16.56 30.72
N ALA A 249 -6.20 -17.32 30.28
CA ALA A 249 -4.93 -17.43 30.98
C ALA A 249 -3.85 -16.51 30.45
N SER A 250 -4.16 -15.68 29.45
CA SER A 250 -3.16 -14.77 28.90
C SER A 250 -2.82 -13.70 29.94
N PRO A 251 -1.57 -13.23 29.97
CA PRO A 251 -1.16 -12.27 31.00
C PRO A 251 -1.92 -10.96 30.87
N SER A 252 -2.23 -10.37 32.02
CA SER A 252 -2.90 -9.08 32.07
C SER A 252 -2.63 -8.44 33.42
N PHE A 253 -2.90 -7.15 33.52
CA PHE A 253 -2.67 -6.44 34.77
C PHE A 253 -3.56 -6.97 35.88
N ALA A 254 -4.75 -7.48 35.56
CA ALA A 254 -5.63 -8.02 36.59
C ALA A 254 -5.01 -9.23 37.29
N GLN A 255 -4.22 -10.03 36.57
CA GLN A 255 -3.56 -11.19 37.15
C GLN A 255 -2.36 -10.83 38.01
N LEU A 256 -1.83 -9.61 37.86
CA LEU A 256 -0.66 -9.18 38.62
C LEU A 256 -1.13 -8.30 39.78
N VAL A 257 -1.69 -8.96 40.80
CA VAL A 257 -2.31 -8.23 41.90
C VAL A 257 -1.28 -7.64 42.87
N ASP A 258 -0.07 -8.18 42.92
CA ASP A 258 0.94 -7.68 43.84
C ASP A 258 2.31 -7.86 43.21
N GLY A 259 3.34 -7.42 43.94
CA GLY A 259 4.69 -7.51 43.43
C GLY A 259 5.20 -8.93 43.32
N HIS A 260 4.71 -9.83 44.19
CA HIS A 260 5.12 -11.22 44.11
C HIS A 260 4.64 -11.87 42.81
N ALA A 261 3.44 -11.50 42.37
CA ALA A 261 2.97 -11.98 41.07
C ALA A 261 3.74 -11.35 39.93
N ALA A 262 3.98 -10.03 40.02
CA ALA A 262 4.78 -9.34 39.01
C ALA A 262 6.17 -9.94 38.87
N ARG A 263 6.79 -10.30 40.00
CA ARG A 263 8.14 -10.87 39.95
C ARG A 263 8.13 -12.22 39.23
N ARG A 264 7.19 -13.10 39.58
CA ARG A 264 7.12 -14.40 38.92
C ARG A 264 6.83 -14.25 37.44
N PHE A 265 5.99 -13.27 37.09
CA PHE A 265 5.70 -13.00 35.68
C PHE A 265 6.96 -12.60 34.93
N PHE A 266 7.74 -11.68 35.51
CA PHE A 266 8.94 -11.21 34.84
C PHE A 266 10.02 -12.28 34.82
N GLN A 267 10.13 -13.09 35.89
CA GLN A 267 11.11 -14.17 35.90
C GLN A 267 10.85 -15.20 34.82
N ARG A 268 9.58 -15.43 34.48
CA ARG A 268 9.26 -16.43 33.47
C ARG A 268 9.26 -15.87 32.06
N GLN A 269 8.86 -14.60 31.88
CA GLN A 269 8.72 -14.05 30.54
C GLN A 269 9.76 -13.00 30.18
N PHE A 270 10.48 -12.46 31.16
CA PHE A 270 11.60 -11.55 30.91
C PHE A 270 12.75 -11.93 31.84
N PRO A 271 13.33 -13.12 31.66
CA PRO A 271 14.32 -13.57 32.65
C PRO A 271 15.60 -12.74 32.66
N ASP A 272 16.00 -12.13 31.54
CA ASP A 272 17.21 -11.32 31.54
C ASP A 272 16.96 -9.89 32.00
N LEU A 273 15.70 -9.47 32.04
CA LEU A 273 15.34 -8.12 32.49
C LEU A 273 15.01 -8.08 33.97
N SER A 274 14.39 -9.13 34.49
CA SER A 274 13.97 -9.16 35.89
C SER A 274 15.07 -8.90 36.91
N PRO A 275 16.31 -9.41 36.77
CA PRO A 275 17.35 -9.08 37.77
C PRO A 275 17.64 -7.59 37.89
N MET A 276 17.35 -6.79 36.86
CA MET A 276 17.62 -5.37 36.88
C MET A 276 16.55 -4.56 37.58
N LEU A 277 15.41 -5.18 37.91
CA LEU A 277 14.29 -4.47 38.53
C LEU A 277 14.38 -4.68 40.04
N ASP A 278 15.21 -3.86 40.68
CA ASP A 278 15.40 -4.01 42.13
C ASP A 278 14.13 -3.68 42.89
N SER A 279 13.42 -2.63 42.48
CA SER A 279 12.20 -2.20 43.13
C SER A 279 10.95 -2.62 42.37
N LEU A 280 10.98 -3.79 41.71
CA LEU A 280 9.85 -4.24 40.92
C LEU A 280 8.59 -4.39 41.77
N GLU A 281 8.73 -4.98 42.96
CA GLU A 281 7.57 -5.17 43.83
C GLU A 281 7.02 -3.85 44.32
N GLN A 282 7.89 -2.90 44.69
CA GLN A 282 7.44 -1.62 45.21
C GLN A 282 6.84 -0.75 44.11
N ASP A 283 7.56 -0.61 43.00
CA ASP A 283 7.09 0.20 41.88
C ASP A 283 5.75 -0.30 41.35
N PHE A 284 5.53 -1.61 41.39
CA PHE A 284 4.33 -2.17 40.78
C PHE A 284 3.07 -1.78 41.54
N GLU A 285 3.15 -1.72 42.87
CA GLU A 285 2.00 -1.38 43.69
C GLU A 285 1.92 0.09 44.06
N HIS A 286 3.02 0.82 44.00
CA HIS A 286 3.03 2.24 44.36
C HIS A 286 2.83 3.15 43.15
N HIS A 287 2.84 2.61 41.94
CA HIS A 287 2.58 3.40 40.75
C HIS A 287 1.25 2.97 40.12
N PRO A 288 0.47 3.92 39.60
CA PRO A 288 -0.80 3.55 38.97
C PRO A 288 -0.61 2.97 37.59
N THR A 289 -1.57 2.14 37.19
CA THR A 289 -1.58 1.55 35.85
C THR A 289 -2.17 2.56 34.87
N GLY A 290 -1.33 3.11 34.00
CA GLY A 290 -1.78 4.14 33.09
C GLY A 290 -2.64 3.58 31.97
N LYS A 291 -3.52 4.43 31.45
CA LYS A 291 -4.39 4.07 30.35
C LYS A 291 -3.95 4.74 29.06
N LEU A 292 -4.29 4.12 27.94
CA LEU A 292 -3.94 4.58 26.61
C LEU A 292 -5.21 4.73 25.76
N ALA A 293 -5.21 5.73 24.89
CA ALA A 293 -6.39 5.99 24.07
C ALA A 293 -5.99 6.81 22.85
N THR A 294 -6.80 6.69 21.80
CA THR A 294 -6.70 7.53 20.61
C THR A 294 -8.01 8.29 20.47
N LEU A 295 -7.94 9.61 20.56
CA LEU A 295 -9.09 10.49 20.43
C LEU A 295 -8.90 11.36 19.20
N ARG A 296 -9.84 11.28 18.26
CA ARG A 296 -9.78 12.03 17.01
C ARG A 296 -10.85 13.11 16.99
N LEU A 297 -10.51 14.26 16.41
CA LEU A 297 -11.44 15.39 16.31
C LEU A 297 -11.59 15.79 14.84
N THR A 298 -12.80 16.22 14.50
CA THR A 298 -13.04 16.70 13.13
C THR A 298 -12.47 18.09 12.95
N THR A 299 -12.68 18.96 13.93
CA THR A 299 -12.18 20.31 13.90
C THR A 299 -11.45 20.62 15.21
N TRP A 300 -10.41 21.45 15.10
CA TRP A 300 -9.53 21.79 16.21
C TRP A 300 -9.73 23.20 16.74
N HIS A 301 -10.64 23.98 16.17
CA HIS A 301 -10.73 25.38 16.52
C HIS A 301 -12.17 25.83 16.58
N VAL A 302 -12.38 26.95 17.26
CA VAL A 302 -13.66 27.66 17.25
C VAL A 302 -13.38 29.04 16.63
N GLY A 303 -13.72 29.20 15.35
CA GLY A 303 -13.50 30.47 14.67
C GLY A 303 -12.06 30.93 14.80
N GLY A 304 -11.88 32.20 15.18
CA GLY A 304 -10.57 32.68 15.57
C GLY A 304 -10.42 32.86 17.07
N GLN A 305 -11.25 32.16 17.84
CA GLN A 305 -11.23 32.34 19.29
C GLN A 305 -10.34 31.32 19.99
N ALA A 306 -10.49 30.04 19.65
CA ALA A 306 -9.78 28.98 20.34
C ALA A 306 -9.27 27.95 19.35
N VAL A 307 -8.16 27.33 19.70
CA VAL A 307 -7.53 26.28 18.90
C VAL A 307 -6.85 25.31 19.86
N LEU A 308 -6.85 24.03 19.49
CA LEU A 308 -6.18 22.99 20.23
C LEU A 308 -4.90 22.58 19.51
N LEU A 309 -3.93 22.05 20.26
CA LEU A 309 -2.75 21.45 19.65
C LEU A 309 -2.16 20.44 20.62
N GLY A 310 -1.19 19.66 20.13
CA GLY A 310 -0.59 18.61 20.96
C GLY A 310 -1.60 17.54 21.37
N ASP A 311 -1.41 17.01 22.59
CA ASP A 311 -2.32 16.01 23.14
C ASP A 311 -3.74 16.55 23.30
N ALA A 312 -3.92 17.86 23.39
CA ALA A 312 -5.27 18.38 23.50
C ALA A 312 -6.06 18.16 22.21
N ALA A 313 -5.38 18.20 21.07
CA ALA A 313 -6.06 18.03 19.78
C ALA A 313 -6.11 16.58 19.33
N HIS A 314 -5.11 15.77 19.64
CA HIS A 314 -4.98 14.44 19.04
C HIS A 314 -4.23 13.52 19.98
N PRO A 315 -4.87 13.07 21.06
CA PRO A 315 -4.26 12.04 21.91
C PRO A 315 -4.00 10.79 21.09
N MET A 316 -2.88 10.13 21.39
CA MET A 316 -2.45 8.95 20.65
C MET A 316 -1.76 7.98 21.59
N VAL A 317 -1.52 6.77 21.10
CA VAL A 317 -0.80 5.76 21.86
C VAL A 317 0.70 6.00 21.72
N PRO A 318 1.49 5.71 22.76
CA PRO A 318 2.90 6.10 22.74
C PRO A 318 3.81 5.11 22.06
N PHE A 319 3.23 4.23 21.24
CA PHE A 319 3.98 3.11 20.69
C PHE A 319 4.99 3.54 19.64
N HIS A 320 4.84 4.72 19.06
CA HIS A 320 5.79 5.23 18.08
C HIS A 320 6.74 6.26 18.66
N GLY A 321 6.61 6.58 19.95
CA GLY A 321 7.40 7.64 20.55
C GLY A 321 7.32 8.96 19.83
N GLN A 322 6.12 9.35 19.39
CA GLN A 322 5.97 10.54 18.54
C GLN A 322 4.99 11.58 19.08
N GLY A 323 4.34 11.35 20.21
CA GLY A 323 3.45 12.35 20.79
C GLY A 323 4.12 13.69 21.04
N MET A 324 5.25 13.70 21.79
CA MET A 324 5.96 14.95 22.02
CA MET A 324 5.95 14.95 22.02
C MET A 324 6.49 15.52 20.72
N ASN A 325 7.06 14.67 19.86
CA ASN A 325 7.61 15.15 18.61
C ASN A 325 6.55 15.83 17.76
N CYS A 326 5.39 15.20 17.64
CA CYS A 326 4.26 15.82 16.94
C CYS A 326 3.76 17.07 17.65
N ALA A 327 3.83 17.09 18.98
CA ALA A 327 3.38 18.27 19.72
C ALA A 327 4.28 19.47 19.45
N LEU A 328 5.60 19.26 19.41
CA LEU A 328 6.51 20.35 19.11
C LEU A 328 6.33 20.79 17.66
N GLU A 329 6.11 19.83 16.76
CA GLU A 329 5.86 20.17 15.37
C GLU A 329 4.57 21.00 15.24
N ASP A 330 3.54 20.65 16.02
CA ASP A 330 2.32 21.45 16.04
C ASP A 330 2.61 22.89 16.46
N ALA A 331 3.43 23.06 17.50
CA ALA A 331 3.69 24.42 17.99
C ALA A 331 4.29 25.30 16.91
N VAL A 332 5.27 24.78 16.16
CA VAL A 332 5.89 25.57 15.09
C VAL A 332 4.84 25.97 14.05
N ALA A 333 4.03 25.01 13.60
CA ALA A 333 3.03 25.31 12.56
C ALA A 333 2.01 26.32 13.05
N LEU A 334 1.52 26.15 14.29
CA LEU A 334 0.55 27.10 14.83
C LEU A 334 1.15 28.50 14.93
N ALA A 335 2.40 28.60 15.40
CA ALA A 335 3.03 29.92 15.46
C ALA A 335 3.22 30.50 14.07
N GLU A 336 3.59 29.68 13.08
CA GLU A 336 3.79 30.20 11.73
C GLU A 336 2.50 30.76 11.15
N HIS A 337 1.39 30.05 11.32
CA HIS A 337 0.12 30.51 10.77
C HIS A 337 -0.38 31.75 11.47
N LEU A 338 -0.31 31.75 12.81
CA LEU A 338 -0.77 32.91 13.58
C LEU A 338 0.01 34.15 13.21
N GLN A 339 1.31 34.00 12.96
CA GLN A 339 2.14 35.18 12.74
C GLN A 339 1.85 35.84 11.39
N SER A 340 1.51 35.06 10.37
CA SER A 340 1.48 35.56 9.00
C SER A 340 0.10 35.65 8.38
N ALA A 341 -0.96 35.32 9.11
CA ALA A 341 -2.28 35.22 8.53
C ALA A 341 -2.97 36.59 8.50
N ALA A 342 -4.03 36.67 7.68
CA ALA A 342 -4.81 37.91 7.66
C ALA A 342 -5.50 38.17 8.99
N ASP A 343 -5.92 37.12 9.68
CA ASP A 343 -6.58 37.26 10.96
C ASP A 343 -6.48 35.92 11.69
N ASN A 344 -6.91 35.92 12.95
CA ASN A 344 -6.80 34.70 13.75
C ASN A 344 -7.66 33.58 13.18
N ALA A 345 -8.86 33.91 12.68
CA ALA A 345 -9.75 32.87 12.16
C ALA A 345 -9.15 32.20 10.93
N SER A 346 -8.57 32.98 10.02
CA SER A 346 -7.86 32.39 8.89
C SER A 346 -6.67 31.57 9.37
N ALA A 347 -5.94 32.06 10.38
CA ALA A 347 -4.82 31.30 10.91
C ALA A 347 -5.28 29.96 11.47
N LEU A 348 -6.32 29.99 12.30
CA LEU A 348 -6.74 28.77 12.98
C LEU A 348 -7.32 27.76 12.00
N ALA A 349 -8.06 28.24 10.99
CA ALA A 349 -8.60 27.33 9.99
C ALA A 349 -7.47 26.74 9.14
N ALA A 350 -6.46 27.54 8.82
CA ALA A 350 -5.36 27.01 8.02
C ALA A 350 -4.50 26.06 8.85
N PHE A 351 -4.30 26.36 10.13
CA PHE A 351 -3.52 25.45 10.97
C PHE A 351 -4.20 24.08 11.05
N THR A 352 -5.52 24.06 11.28
CA THR A 352 -6.23 22.78 11.33
C THR A 352 -6.13 22.04 10.01
N ALA A 353 -6.31 22.74 8.89
CA ALA A 353 -6.29 22.07 7.60
C ALA A 353 -4.93 21.44 7.32
N GLN A 354 -3.84 22.13 7.66
CA GLN A 354 -2.52 21.59 7.44
C GLN A 354 -2.23 20.40 8.36
N ARG A 355 -2.62 20.50 9.64
CA ARG A 355 -2.15 19.52 10.62
C ARG A 355 -3.14 18.38 10.91
N GLN A 356 -4.44 18.57 10.68
CA GLN A 356 -5.40 17.52 11.02
C GLN A 356 -5.16 16.23 10.25
N PRO A 357 -4.92 16.25 8.93
CA PRO A 357 -4.61 14.97 8.25
C PRO A 357 -3.35 14.30 8.76
N ASP A 358 -2.31 15.08 9.08
CA ASP A 358 -1.09 14.50 9.61
C ASP A 358 -1.31 13.90 10.99
N ALA A 359 -2.15 14.53 11.81
CA ALA A 359 -2.46 13.96 13.12
C ALA A 359 -3.16 12.61 13.00
N LEU A 360 -4.15 12.51 12.10
CA LEU A 360 -4.80 11.21 11.89
C LEU A 360 -3.81 10.17 11.41
N ALA A 361 -2.81 10.59 10.64
CA ALA A 361 -1.82 9.65 10.11
C ALA A 361 -0.94 9.10 11.24
N ILE A 362 -0.31 9.99 12.02
CA ILE A 362 0.52 9.51 13.12
C ILE A 362 -0.31 8.82 14.19
N GLN A 363 -1.59 9.19 14.34
CA GLN A 363 -2.48 8.42 15.20
C GLN A 363 -2.64 7.00 14.69
N ALA A 364 -2.81 6.85 13.38
CA ALA A 364 -2.94 5.52 12.79
C ALA A 364 -1.63 4.75 12.88
N MET A 365 -0.52 5.39 12.47
CA MET A 365 0.77 4.70 12.45
C MET A 365 1.24 4.33 13.85
N ALA A 366 0.82 5.08 14.87
CA ALA A 366 1.21 4.72 16.24
C ALA A 366 0.57 3.41 16.67
N LEU A 367 -0.69 3.19 16.30
CA LEU A 367 -1.37 1.94 16.65
C LEU A 367 -0.74 0.75 15.94
N GLU A 368 -0.48 0.89 14.63
CA GLU A 368 0.17 -0.17 13.87
C GLU A 368 1.54 -0.50 14.41
N ASN A 369 2.28 0.49 14.90
CA ASN A 369 3.68 0.29 15.27
C ASN A 369 3.84 -0.59 16.50
N TYR A 370 2.78 -0.81 17.28
CA TYR A 370 2.87 -1.78 18.36
C TYR A 370 3.07 -3.19 17.83
N VAL A 371 2.26 -3.57 16.83
CA VAL A 371 2.40 -4.88 16.20
C VAL A 371 3.73 -5.01 15.47
N GLU A 372 4.34 -3.88 15.10
CA GLU A 372 5.62 -3.93 14.39
C GLU A 372 6.78 -4.19 15.33
N MET A 373 6.79 -3.56 16.51
CA MET A 373 7.92 -3.67 17.42
C MET A 373 7.79 -4.83 18.41
N SER A 374 6.57 -5.28 18.72
CA SER A 374 6.38 -6.35 19.69
C SER A 374 5.99 -7.69 19.08
N SER A 375 5.47 -7.71 17.84
CA SER A 375 4.96 -8.93 17.23
C SER A 375 5.69 -9.34 15.95
N LYS A 376 6.42 -8.43 15.30
CA LYS A 376 7.01 -8.71 14.00
C LYS A 376 8.53 -8.85 14.03
N VAL A 377 9.23 -8.22 14.98
CA VAL A 377 10.69 -8.25 14.99
C VAL A 377 11.25 -9.64 15.21
N ALA A 378 10.41 -10.64 15.48
CA ALA A 378 10.84 -12.03 15.62
C ALA A 378 10.18 -12.96 14.62
N SER A 379 9.50 -12.41 13.61
CA SER A 379 8.79 -13.14 12.56
C SER A 379 9.75 -13.49 11.42
N PRO A 380 9.66 -14.71 10.88
CA PRO A 380 10.56 -15.08 9.77
C PRO A 380 10.29 -14.30 8.50
N THR A 381 9.02 -14.09 8.15
CA THR A 381 8.70 -13.33 6.94
C THR A 381 9.09 -11.86 7.10
N TYR A 382 8.94 -11.31 8.31
CA TYR A 382 9.27 -9.91 8.52
C TYR A 382 10.76 -9.65 8.39
N LEU A 383 11.60 -10.61 8.78
CA LEU A 383 13.05 -10.42 8.68
C LEU A 383 13.49 -10.37 7.23
N LEU A 384 12.88 -11.19 6.35
CA LEU A 384 13.22 -11.15 4.94
C LEU A 384 12.74 -9.86 4.29
N GLU A 385 11.51 -9.42 4.63
CA GLU A 385 11.02 -8.14 4.13
C GLU A 385 11.87 -6.98 4.65
N ARG A 386 12.32 -7.07 5.89
CA ARG A 386 13.17 -6.01 6.45
C ARG A 386 14.54 -6.00 5.77
N GLU A 387 15.06 -7.19 5.44
CA GLU A 387 16.33 -7.26 4.73
C GLU A 387 16.21 -6.71 3.33
N LEU A 388 15.12 -7.04 2.63
CA LEU A 388 14.90 -6.52 1.28
C LEU A 388 14.62 -5.02 1.30
N GLY A 389 13.90 -4.54 2.32
CA GLY A 389 13.64 -3.11 2.41
C GLY A 389 14.90 -2.30 2.67
N GLN A 390 15.85 -2.87 3.42
CA GLN A 390 17.11 -2.18 3.63
C GLN A 390 17.94 -2.13 2.35
N ILE A 391 17.81 -3.15 1.50
CA ILE A 391 18.52 -3.15 0.21
C ILE A 391 17.95 -2.06 -0.70
N MET A 392 16.64 -1.86 -0.67
CA MET A 392 16.03 -0.82 -1.50
C MET A 392 16.37 0.58 -0.98
N ALA A 393 16.64 0.72 0.32
CA ALA A 393 17.02 2.01 0.86
C ALA A 393 18.39 2.46 0.37
N GLN A 394 19.24 1.53 -0.08
CA GLN A 394 20.55 1.87 -0.63
C GLN A 394 20.53 2.07 -2.14
N ARG A 395 19.67 1.35 -2.86
CA ARG A 395 19.59 1.50 -4.30
C ARG A 395 18.85 2.78 -4.70
N GLN A 396 17.75 3.08 -4.00
CA GLN A 396 16.96 4.30 -4.20
C GLN A 396 16.86 5.01 -2.87
N PRO A 397 17.86 5.83 -2.52
CA PRO A 397 17.86 6.47 -1.19
C PRO A 397 16.80 7.56 -1.04
N THR A 398 16.34 8.17 -2.14
CA THR A 398 15.31 9.20 -2.07
C THR A 398 13.94 8.68 -2.45
N ARG A 399 13.80 7.39 -2.73
CA ARG A 399 12.51 6.80 -3.07
C ARG A 399 12.05 5.80 -2.02
N PHE A 400 12.90 4.86 -1.64
CA PHE A 400 12.56 3.87 -0.62
C PHE A 400 13.24 4.28 0.68
N ILE A 401 12.54 5.09 1.46
CA ILE A 401 12.94 5.43 2.82
C ILE A 401 12.02 4.67 3.77
N PRO A 402 12.54 3.73 4.57
CA PRO A 402 11.68 2.96 5.47
C PRO A 402 10.78 3.88 6.30
N ARG A 403 9.54 3.43 6.53
CA ARG A 403 8.53 4.28 7.17
C ARG A 403 8.98 4.74 8.54
N TYR A 404 9.69 3.90 9.29
CA TYR A 404 10.19 4.33 10.59
C TYR A 404 11.17 5.49 10.44
N SER A 405 12.00 5.47 9.39
CA SER A 405 12.92 6.58 9.17
C SER A 405 12.17 7.86 8.79
N MET A 406 11.10 7.74 7.99
CA MET A 406 10.38 8.95 7.57
C MET A 406 9.71 9.63 8.76
N VAL A 407 9.07 8.86 9.63
CA VAL A 407 8.40 9.45 10.79
C VAL A 407 9.42 10.00 11.76
N THR A 408 10.52 9.29 11.97
CA THR A 408 11.45 9.59 13.04
C THR A 408 12.58 10.53 12.63
N PHE A 409 13.20 10.30 11.47
CA PHE A 409 14.41 11.01 11.08
C PHE A 409 14.18 12.06 9.98
N SER A 410 12.93 12.42 9.69
CA SER A 410 12.66 13.45 8.71
C SER A 410 11.39 14.20 9.11
N ARG A 411 11.14 15.31 8.42
CA ARG A 411 9.99 16.16 8.68
C ARG A 411 8.94 16.05 7.58
N LEU A 412 8.96 14.96 6.83
CA LEU A 412 7.93 14.69 5.85
C LEU A 412 6.57 14.67 6.55
N PRO A 413 5.55 15.33 5.98
CA PRO A 413 4.22 15.29 6.61
C PRO A 413 3.79 13.86 6.90
N TYR A 414 3.19 13.67 8.07
CA TYR A 414 2.79 12.35 8.51
C TYR A 414 1.90 11.65 7.48
N ALA A 415 1.08 12.41 6.76
CA ALA A 415 0.21 11.81 5.75
C ALA A 415 1.01 11.30 4.56
N GLN A 416 2.10 11.97 4.20
CA GLN A 416 2.94 11.47 3.12
C GLN A 416 3.74 10.24 3.58
N ALA A 417 4.24 10.25 4.81
CA ALA A 417 5.00 9.11 5.30
C ALA A 417 4.13 7.86 5.36
N MET A 418 2.86 8.01 5.74
CA MET A 418 1.97 6.86 5.79
C MET A 418 1.56 6.42 4.39
N ALA A 419 1.33 7.38 3.49
CA ALA A 419 0.96 7.03 2.12
C ALA A 419 2.13 6.40 1.37
N ARG A 420 3.35 6.92 1.57
CA ARG A 420 4.51 6.29 0.95
C ARG A 420 4.86 4.97 1.63
N GLY A 421 4.59 4.87 2.93
CA GLY A 421 4.87 3.63 3.65
C GLY A 421 3.96 2.49 3.25
N GLN A 422 2.70 2.77 2.91
CA GLN A 422 1.81 1.71 2.45
C GLN A 422 2.23 1.19 1.08
N ILE A 423 2.74 2.06 0.22
CA ILE A 423 3.28 1.61 -1.07
C ILE A 423 4.50 0.72 -0.83
N GLN A 424 5.40 1.13 0.07
CA GLN A 424 6.57 0.30 0.37
C GLN A 424 6.18 -0.99 1.05
N GLU A 425 5.24 -0.93 2.00
CA GLU A 425 4.80 -2.14 2.70
C GLU A 425 4.20 -3.15 1.73
N GLN A 426 3.31 -2.68 0.84
CA GLN A 426 2.72 -3.59 -0.14
C GLN A 426 3.76 -4.07 -1.13
N LEU A 427 4.71 -3.21 -1.50
CA LEU A 427 5.78 -3.60 -2.42
C LEU A 427 6.62 -4.73 -1.83
N LEU A 428 7.05 -4.58 -0.58
CA LEU A 428 7.80 -5.66 0.07
C LEU A 428 6.95 -6.90 0.26
N LYS A 429 5.66 -6.73 0.56
CA LYS A 429 4.79 -7.87 0.82
C LYS A 429 4.66 -8.77 -0.41
N PHE A 430 4.45 -8.19 -1.59
CA PHE A 430 4.29 -9.00 -2.79
C PHE A 430 5.60 -9.60 -3.27
N ALA A 431 6.72 -8.90 -3.09
CA ALA A 431 8.00 -9.41 -3.57
C ALA A 431 8.48 -10.59 -2.73
N VAL A 432 8.23 -10.56 -1.43
CA VAL A 432 8.67 -11.63 -0.53
C VAL A 432 7.71 -12.82 -0.53
N ALA A 433 6.45 -12.60 -0.92
CA ALA A 433 5.46 -13.66 -0.88
C ALA A 433 5.91 -14.87 -1.69
N ASN A 434 5.78 -16.05 -1.10
CA ASN A 434 6.10 -17.33 -1.73
C ASN A 434 7.59 -17.44 -2.09
N HIS A 435 8.45 -16.81 -1.29
CA HIS A 435 9.89 -16.90 -1.46
C HIS A 435 10.54 -17.11 -0.10
N SER A 436 11.37 -18.15 0.02
CA SER A 436 11.97 -18.51 1.30
C SER A 436 13.25 -17.71 1.56
N ASP A 437 14.20 -17.81 0.63
CA ASP A 437 15.47 -17.10 0.75
C ASP A 437 15.46 -15.83 -0.07
N LEU A 438 16.40 -14.94 0.24
CA LEU A 438 16.62 -13.74 -0.56
C LEU A 438 17.22 -14.05 -1.93
N THR A 439 17.74 -15.26 -2.12
CA THR A 439 18.35 -15.63 -3.39
C THR A 439 17.31 -15.84 -4.49
N SER A 440 16.10 -16.26 -4.12
CA SER A 440 15.04 -16.52 -5.08
C SER A 440 14.20 -15.28 -5.38
N ILE A 441 14.60 -14.11 -4.91
CA ILE A 441 13.89 -12.86 -5.16
C ILE A 441 14.65 -12.06 -6.19
N ASN A 442 13.94 -11.61 -7.23
CA ASN A 442 14.54 -10.80 -8.29
C ASN A 442 14.69 -9.36 -7.80
N LEU A 443 15.94 -8.94 -7.56
CA LEU A 443 16.18 -7.64 -6.93
C LEU A 443 15.87 -6.48 -7.87
N ASP A 444 16.09 -6.67 -9.19
CA ASP A 444 15.89 -5.58 -10.14
C ASP A 444 14.42 -5.35 -10.46
N ALA A 445 13.57 -6.37 -10.35
CA ALA A 445 12.14 -6.16 -10.51
C ALA A 445 11.58 -5.37 -9.33
N VAL A 446 12.04 -5.68 -8.12
CA VAL A 446 11.63 -4.91 -6.94
C VAL A 446 12.08 -3.46 -7.09
N GLU A 447 13.31 -3.25 -7.56
CA GLU A 447 13.83 -1.89 -7.75
C GLU A 447 13.04 -1.15 -8.82
N HIS A 448 12.55 -1.84 -9.85
CA HIS A 448 11.75 -1.19 -10.88
C HIS A 448 10.44 -0.64 -10.32
N GLU A 449 9.76 -1.43 -9.48
CA GLU A 449 8.51 -0.95 -8.89
C GLU A 449 8.74 0.15 -7.88
N VAL A 450 9.93 0.21 -7.27
CA VAL A 450 10.26 1.34 -6.40
C VAL A 450 10.25 2.64 -7.20
N THR A 451 10.86 2.63 -8.38
CA THR A 451 10.93 3.84 -9.20
C THR A 451 9.58 4.15 -9.86
N ARG A 452 8.75 3.13 -10.09
CA ARG A 452 7.48 3.35 -10.77
C ARG A 452 6.44 3.98 -9.85
N CYS A 453 6.41 3.58 -8.58
CA CYS A 453 5.37 3.99 -7.66
C CYS A 453 5.81 5.00 -6.61
N LEU A 454 7.11 5.19 -6.41
CA LEU A 454 7.61 6.10 -5.38
C LEU A 454 8.38 7.25 -6.01
N PRO A 455 7.76 8.41 -6.20
CA PRO A 455 8.49 9.56 -6.73
C PRO A 455 9.62 9.94 -5.78
N PRO A 456 10.72 10.46 -6.32
CA PRO A 456 11.88 10.75 -5.47
C PRO A 456 11.63 11.96 -4.57
N LEU A 457 12.35 11.99 -3.45
CA LEU A 457 12.27 13.09 -2.51
C LEU A 457 13.59 13.87 -2.48
N ALA B 7 -17.98 -38.86 -5.57
CA ALA B 7 -17.67 -37.77 -6.50
C ALA B 7 -17.62 -36.42 -5.80
N ARG B 8 -16.53 -35.69 -5.98
CA ARG B 8 -16.36 -34.40 -5.32
CA ARG B 8 -16.35 -34.39 -5.33
C ARG B 8 -17.15 -33.32 -6.06
N GLN B 9 -17.69 -32.37 -5.30
CA GLN B 9 -18.57 -31.34 -5.83
C GLN B 9 -17.89 -29.98 -5.84
N VAL B 10 -18.06 -29.23 -6.92
CA VAL B 10 -17.51 -27.90 -7.03
C VAL B 10 -18.55 -26.98 -7.67
N THR B 11 -18.63 -25.75 -7.18
CA THR B 11 -19.47 -24.71 -7.72
C THR B 11 -18.56 -23.61 -8.25
N ILE B 12 -18.74 -23.28 -9.52
CA ILE B 12 -17.95 -22.26 -10.20
C ILE B 12 -18.87 -21.10 -10.55
N ILE B 13 -18.45 -19.88 -10.18
CA ILE B 13 -19.16 -18.66 -10.53
C ILE B 13 -18.45 -18.03 -11.72
N GLY B 14 -19.18 -17.78 -12.80
CA GLY B 14 -18.63 -17.15 -13.99
C GLY B 14 -18.29 -18.12 -15.10
N ALA B 15 -19.11 -18.18 -16.15
CA ALA B 15 -18.82 -19.04 -17.30
C ALA B 15 -18.05 -18.28 -18.38
N GLY B 16 -16.98 -17.62 -17.95
CA GLY B 16 -16.07 -16.96 -18.87
C GLY B 16 -14.99 -17.89 -19.34
N LEU B 17 -13.76 -17.39 -19.46
CA LEU B 17 -12.72 -18.20 -20.08
C LEU B 17 -12.10 -19.16 -19.07
N ALA B 18 -11.80 -18.68 -17.87
CA ALA B 18 -11.24 -19.54 -16.83
C ALA B 18 -12.30 -20.46 -16.23
N GLY B 19 -13.52 -19.96 -16.06
CA GLY B 19 -14.56 -20.79 -15.44
C GLY B 19 -14.91 -22.01 -16.26
N THR B 20 -15.11 -21.81 -17.58
CA THR B 20 -15.52 -22.93 -18.43
C THR B 20 -14.40 -23.93 -18.64
N LEU B 21 -13.15 -23.46 -18.76
CA LEU B 21 -12.04 -24.38 -18.88
C LEU B 21 -11.88 -25.24 -17.63
N VAL B 22 -11.89 -24.63 -16.44
CA VAL B 22 -11.71 -25.45 -15.25
C VAL B 22 -12.92 -26.36 -15.05
N ALA B 23 -14.12 -25.91 -15.44
CA ALA B 23 -15.29 -26.78 -15.39
C ALA B 23 -15.08 -28.04 -16.21
N ARG B 24 -14.57 -27.90 -17.44
CA ARG B 24 -14.33 -29.06 -18.29
C ARG B 24 -13.30 -29.98 -17.70
N LEU B 25 -12.19 -29.42 -17.18
CA LEU B 25 -11.09 -30.22 -16.66
C LEU B 25 -11.50 -31.00 -15.42
N LEU B 26 -12.31 -30.39 -14.54
CA LEU B 26 -12.76 -31.13 -13.37
C LEU B 26 -13.84 -32.14 -13.73
N ALA B 27 -14.80 -31.75 -14.58
CA ALA B 27 -15.94 -32.63 -14.88
C ALA B 27 -15.47 -33.93 -15.49
N ARG B 28 -14.60 -33.86 -16.49
CA ARG B 28 -14.13 -35.10 -17.11
C ARG B 28 -13.26 -35.92 -16.17
N ASN B 29 -12.79 -35.34 -15.06
CA ASN B 29 -12.14 -36.09 -13.98
C ASN B 29 -13.14 -36.67 -12.99
N GLY B 30 -14.45 -36.53 -13.24
CA GLY B 30 -15.45 -37.13 -12.40
C GLY B 30 -16.05 -36.22 -11.35
N TRP B 31 -15.62 -34.96 -11.31
CA TRP B 31 -16.21 -34.01 -10.38
C TRP B 31 -17.64 -33.68 -10.79
N GLN B 32 -18.49 -33.51 -9.79
CA GLN B 32 -19.84 -33.00 -9.99
C GLN B 32 -19.72 -31.48 -10.06
N VAL B 33 -19.81 -30.93 -11.26
CA VAL B 33 -19.53 -29.52 -11.51
C VAL B 33 -20.83 -28.79 -11.80
N ASN B 34 -21.08 -27.70 -11.07
CA ASN B 34 -22.18 -26.79 -11.36
C ASN B 34 -21.61 -25.39 -11.56
N LEU B 35 -21.92 -24.79 -12.70
CA LEU B 35 -21.35 -23.52 -13.11
C LEU B 35 -22.47 -22.51 -13.28
N PHE B 36 -22.32 -21.32 -12.70
CA PHE B 36 -23.36 -20.31 -12.71
C PHE B 36 -22.86 -19.07 -13.42
N GLU B 37 -23.67 -18.55 -14.35
CA GLU B 37 -23.29 -17.43 -15.19
C GLU B 37 -24.38 -16.36 -15.16
N ARG B 38 -23.94 -15.11 -14.97
CA ARG B 38 -24.86 -13.98 -14.89
CA ARG B 38 -24.86 -13.98 -14.89
C ARG B 38 -25.52 -13.68 -16.23
N ARG B 39 -24.80 -13.87 -17.33
CA ARG B 39 -25.25 -13.55 -18.67
C ARG B 39 -26.11 -14.68 -19.26
N PRO B 40 -26.90 -14.39 -20.28
CA PRO B 40 -27.60 -15.46 -21.00
C PRO B 40 -26.62 -16.38 -21.70
N ASP B 41 -27.10 -17.56 -22.05
CA ASP B 41 -26.29 -18.52 -22.79
C ASP B 41 -26.05 -17.96 -24.20
N PRO B 42 -24.80 -17.71 -24.61
CA PRO B 42 -24.57 -17.14 -25.94
C PRO B 42 -24.74 -18.13 -27.09
N ARG B 43 -24.93 -19.42 -26.81
CA ARG B 43 -25.20 -20.38 -27.87
C ARG B 43 -26.67 -20.40 -28.28
N ILE B 44 -27.54 -19.77 -27.51
CA ILE B 44 -28.94 -19.63 -27.88
C ILE B 44 -29.01 -18.43 -28.83
N GLU B 45 -29.20 -18.68 -30.12
CA GLU B 45 -29.10 -17.58 -31.08
C GLU B 45 -30.32 -16.68 -30.98
N THR B 46 -30.11 -15.38 -30.96
CA THR B 46 -31.21 -14.43 -30.94
C THR B 46 -31.14 -13.55 -32.18
N GLY B 47 -32.08 -12.63 -32.28
CA GLY B 47 -32.00 -11.67 -33.35
C GLY B 47 -31.14 -10.46 -33.05
N ALA B 48 -30.50 -10.41 -31.89
CA ALA B 48 -29.64 -9.29 -31.54
C ALA B 48 -28.35 -9.32 -32.35
N ARG B 49 -27.89 -8.14 -32.76
CA ARG B 49 -26.64 -8.00 -33.49
C ARG B 49 -25.49 -7.98 -32.48
N GLY B 50 -24.95 -9.16 -32.19
CA GLY B 50 -23.85 -9.25 -31.24
C GLY B 50 -22.59 -8.60 -31.78
N ARG B 51 -21.95 -7.82 -30.94
CA ARG B 51 -20.70 -7.14 -31.28
C ARG B 51 -19.51 -7.97 -30.83
N SER B 52 -18.47 -7.99 -31.65
CA SER B 52 -17.37 -8.93 -31.51
C SER B 52 -16.16 -8.27 -30.86
N ILE B 53 -15.47 -9.02 -30.02
CA ILE B 53 -14.17 -8.63 -29.50
C ILE B 53 -13.19 -9.74 -29.82
N ASN B 54 -12.06 -9.40 -30.43
CA ASN B 54 -11.05 -10.40 -30.73
C ASN B 54 -9.96 -10.38 -29.65
N LEU B 55 -9.39 -11.55 -29.38
CA LEU B 55 -8.33 -11.68 -28.39
C LEU B 55 -7.10 -12.37 -28.99
N ALA B 56 -5.92 -11.92 -28.55
CA ALA B 56 -4.66 -12.53 -28.95
C ALA B 56 -4.44 -13.80 -28.12
N LEU B 57 -4.46 -14.94 -28.79
CA LEU B 57 -4.21 -16.24 -28.16
C LEU B 57 -2.76 -16.61 -28.42
N ALA B 58 -2.02 -16.89 -27.35
CA ALA B 58 -0.61 -17.20 -27.41
C ALA B 58 -0.37 -18.64 -26.97
N GLU B 59 0.90 -19.03 -26.93
CA GLU B 59 1.24 -20.44 -26.72
C GLU B 59 0.74 -20.94 -25.36
N ARG B 60 0.87 -20.12 -24.31
CA ARG B 60 0.33 -20.48 -23.00
C ARG B 60 -1.15 -20.85 -23.10
N GLY B 61 -1.95 -19.97 -23.71
CA GLY B 61 -3.36 -20.26 -23.84
C GLY B 61 -3.62 -21.44 -24.75
N ALA B 62 -2.94 -21.46 -25.90
CA ALA B 62 -3.10 -22.59 -26.82
C ALA B 62 -2.77 -23.91 -26.15
N HIS B 63 -1.68 -23.95 -25.37
CA HIS B 63 -1.30 -25.18 -24.70
C HIS B 63 -2.35 -25.61 -23.68
N ALA B 64 -2.89 -24.65 -22.92
CA ALA B 64 -3.95 -24.97 -21.98
C ALA B 64 -5.14 -25.59 -22.69
N LEU B 65 -5.51 -25.02 -23.85
CA LEU B 65 -6.55 -25.61 -24.69
C LEU B 65 -6.15 -26.98 -25.19
N ARG B 66 -4.86 -27.18 -25.49
CA ARG B 66 -4.37 -28.48 -25.96
C ARG B 66 -4.54 -29.55 -24.88
N LEU B 67 -4.19 -29.23 -23.64
CA LEU B 67 -4.41 -30.19 -22.56
C LEU B 67 -5.90 -30.50 -22.38
N ALA B 68 -6.78 -29.57 -22.74
CA ALA B 68 -8.20 -29.81 -22.59
C ALA B 68 -8.81 -30.54 -23.79
N GLY B 69 -8.04 -30.76 -24.85
CA GLY B 69 -8.59 -31.33 -26.07
C GLY B 69 -9.40 -30.37 -26.92
N LEU B 70 -9.21 -29.07 -26.77
CA LEU B 70 -10.01 -28.08 -27.49
C LEU B 70 -9.21 -27.20 -28.45
N GLU B 71 -7.90 -27.46 -28.62
CA GLU B 71 -7.07 -26.52 -29.36
C GLU B 71 -7.43 -26.49 -30.85
N ARG B 72 -7.54 -27.67 -31.48
CA ARG B 72 -7.84 -27.70 -32.90
C ARG B 72 -9.17 -27.04 -33.20
N GLU B 73 -10.15 -27.22 -32.32
CA GLU B 73 -11.46 -26.60 -32.51
C GLU B 73 -11.37 -25.08 -32.45
N VAL B 74 -10.65 -24.55 -31.45
CA VAL B 74 -10.47 -23.11 -31.34
C VAL B 74 -9.66 -22.57 -32.51
N LEU B 75 -8.53 -23.22 -32.81
CA LEU B 75 -7.65 -22.71 -33.86
C LEU B 75 -8.28 -22.79 -35.24
N ALA B 76 -9.24 -23.71 -35.45
CA ALA B 76 -9.92 -23.72 -36.73
C ALA B 76 -10.68 -22.43 -36.98
N GLU B 77 -11.00 -21.68 -35.93
CA GLU B 77 -11.77 -20.45 -36.04
C GLU B 77 -10.95 -19.21 -35.66
N ALA B 78 -9.63 -19.31 -35.69
CA ALA B 78 -8.75 -18.20 -35.32
C ALA B 78 -7.94 -17.75 -36.53
N VAL B 79 -7.72 -16.44 -36.63
CA VAL B 79 -6.92 -15.85 -37.68
C VAL B 79 -5.46 -15.77 -37.24
N MET B 80 -4.56 -16.29 -38.05
CA MET B 80 -3.14 -16.28 -37.73
C MET B 80 -2.56 -14.87 -37.84
N MET B 81 -1.83 -14.42 -36.83
CA MET B 81 -1.09 -13.15 -36.91
C MET B 81 0.41 -13.47 -36.93
N ARG B 82 1.04 -13.29 -38.09
CA ARG B 82 2.45 -13.62 -38.26
C ARG B 82 3.37 -12.50 -37.79
N GLY B 83 2.83 -11.34 -37.46
CA GLY B 83 3.69 -10.24 -37.12
C GLY B 83 2.89 -9.04 -36.71
N ARG B 84 3.62 -7.94 -36.52
CA ARG B 84 3.11 -6.70 -35.94
C ARG B 84 3.17 -5.64 -37.03
N MET B 85 2.05 -4.98 -37.27
CA MET B 85 1.95 -3.96 -38.32
C MET B 85 1.78 -2.60 -37.63
N VAL B 86 2.84 -1.79 -37.65
CA VAL B 86 2.86 -0.48 -37.03
C VAL B 86 2.50 0.56 -38.09
N HIS B 87 1.50 1.39 -37.79
CA HIS B 87 1.05 2.45 -38.67
C HIS B 87 1.52 3.79 -38.13
N VAL B 88 2.37 4.45 -38.90
CA VAL B 88 2.76 5.84 -38.66
C VAL B 88 2.26 6.66 -39.85
N PRO B 89 1.56 7.77 -39.62
CA PRO B 89 0.90 8.48 -40.74
C PRO B 89 1.89 8.96 -41.78
N GLY B 90 1.55 8.73 -43.05
CA GLY B 90 2.35 9.13 -44.17
C GLY B 90 3.25 8.05 -44.73
N THR B 91 3.61 7.05 -43.92
CA THR B 91 4.52 6.00 -44.34
C THR B 91 3.78 4.71 -44.60
N PRO B 92 4.32 3.83 -45.43
CA PRO B 92 3.70 2.50 -45.62
C PRO B 92 3.81 1.68 -44.35
N PRO B 93 2.79 0.90 -44.02
CA PRO B 93 2.86 0.05 -42.83
C PRO B 93 4.02 -0.92 -42.90
N ASN B 94 4.80 -0.98 -41.82
CA ASN B 94 5.98 -1.83 -41.71
C ASN B 94 5.67 -3.08 -40.89
N LEU B 95 5.70 -4.25 -41.53
CA LEU B 95 5.41 -5.51 -40.86
C LEU B 95 6.65 -6.01 -40.12
N GLN B 96 6.53 -6.16 -38.81
CA GLN B 96 7.59 -6.72 -37.98
C GLN B 96 7.20 -8.15 -37.61
N PRO B 97 7.84 -9.16 -38.19
CA PRO B 97 7.49 -10.55 -37.87
C PRO B 97 7.68 -10.85 -36.38
N TYR B 98 6.79 -11.69 -35.85
CA TYR B 98 6.90 -12.09 -34.45
C TYR B 98 8.08 -13.02 -34.24
N GLY B 99 8.42 -13.81 -35.25
CA GLY B 99 9.60 -14.64 -35.21
C GLY B 99 9.97 -14.99 -36.63
N ARG B 100 10.05 -16.29 -36.92
CA ARG B 100 10.21 -16.76 -38.28
C ARG B 100 9.36 -18.01 -38.47
N ASP B 101 9.27 -18.47 -39.71
CA ASP B 101 8.80 -19.80 -40.05
C ASP B 101 7.35 -20.06 -39.63
N ASP B 102 6.57 -19.01 -39.35
CA ASP B 102 5.16 -19.13 -38.98
C ASP B 102 4.90 -20.09 -37.81
N SER B 103 5.96 -20.65 -37.23
CA SER B 103 5.80 -21.46 -36.03
C SER B 103 5.46 -20.59 -34.83
N GLU B 104 5.98 -19.36 -34.81
CA GLU B 104 5.76 -18.42 -33.73
C GLU B 104 4.79 -17.36 -34.25
N VAL B 105 3.51 -17.59 -33.98
CA VAL B 105 2.44 -16.71 -34.41
C VAL B 105 1.50 -16.54 -33.22
N ILE B 106 0.72 -15.48 -33.28
CA ILE B 106 -0.36 -15.25 -32.33
C ILE B 106 -1.66 -15.46 -33.09
N TRP B 107 -2.65 -16.01 -32.41
CA TRP B 107 -3.93 -16.33 -33.02
C TRP B 107 -4.97 -15.33 -32.52
N SER B 108 -5.61 -14.64 -33.47
CA SER B 108 -6.75 -13.77 -33.19
C SER B 108 -8.02 -14.62 -33.17
N ILE B 109 -8.63 -14.74 -31.99
CA ILE B 109 -9.85 -15.51 -31.82
C ILE B 109 -10.96 -14.59 -31.34
N ASN B 110 -12.16 -14.79 -31.88
CA ASN B 110 -13.33 -14.07 -31.42
C ASN B 110 -13.75 -14.56 -30.03
N ARG B 111 -13.93 -13.62 -29.09
CA ARG B 111 -14.24 -14.01 -27.70
CA ARG B 111 -14.23 -14.03 -27.71
C ARG B 111 -15.49 -14.86 -27.62
N ASP B 112 -16.52 -14.51 -28.39
CA ASP B 112 -17.78 -15.25 -28.37
C ASP B 112 -17.60 -16.66 -28.93
N ARG B 113 -16.95 -16.77 -30.10
CA ARG B 113 -16.63 -18.09 -30.63
C ARG B 113 -15.87 -18.91 -29.60
N LEU B 114 -14.91 -18.30 -28.92
CA LEU B 114 -14.15 -19.05 -27.94
C LEU B 114 -15.05 -19.51 -26.79
N ASN B 115 -15.92 -18.62 -26.29
CA ASN B 115 -16.74 -18.98 -25.14
C ASN B 115 -17.75 -20.08 -25.51
N ARG B 116 -18.28 -20.04 -26.74
CA ARG B 116 -19.21 -21.08 -27.18
CA ARG B 116 -19.20 -21.08 -27.18
C ARG B 116 -18.53 -22.43 -27.25
N ILE B 117 -17.29 -22.47 -27.77
CA ILE B 117 -16.54 -23.73 -27.84
C ILE B 117 -16.26 -24.26 -26.45
N LEU B 118 -15.83 -23.38 -25.55
CA LEU B 118 -15.54 -23.78 -24.17
C LEU B 118 -16.79 -24.26 -23.47
N LEU B 119 -17.92 -23.56 -23.67
CA LEU B 119 -19.17 -23.99 -23.05
C LEU B 119 -19.55 -25.39 -23.53
N ASP B 120 -19.59 -25.61 -24.85
CA ASP B 120 -19.83 -26.95 -25.36
C ASP B 120 -18.84 -27.94 -24.76
N GLY B 121 -17.58 -27.52 -24.62
CA GLY B 121 -16.56 -28.41 -24.09
C GLY B 121 -16.84 -28.80 -22.65
N ALA B 122 -17.33 -27.86 -21.84
CA ALA B 122 -17.64 -28.16 -20.44
C ALA B 122 -18.83 -29.10 -20.34
N GLU B 123 -19.88 -28.81 -21.11
CA GLU B 123 -21.08 -29.64 -21.09
C GLU B 123 -20.79 -31.06 -21.58
N ALA B 124 -19.96 -31.21 -22.60
CA ALA B 124 -19.64 -32.55 -23.08
C ALA B 124 -18.90 -33.37 -22.02
N ALA B 125 -18.12 -32.71 -21.16
CA ALA B 125 -17.42 -33.40 -20.09
C ALA B 125 -18.29 -33.67 -18.88
N GLY B 126 -19.55 -33.21 -18.89
CA GLY B 126 -20.48 -33.50 -17.83
C GLY B 126 -20.84 -32.34 -16.91
N ALA B 127 -20.25 -31.16 -17.08
CA ALA B 127 -20.60 -30.02 -16.23
C ALA B 127 -21.99 -29.50 -16.56
N SER B 128 -22.68 -28.96 -15.55
CA SER B 128 -23.99 -28.36 -15.72
C SER B 128 -23.87 -26.84 -15.59
N ILE B 129 -24.34 -26.13 -16.61
CA ILE B 129 -24.20 -24.69 -16.67
C ILE B 129 -25.57 -24.05 -16.49
N HIS B 130 -25.64 -23.06 -15.60
CA HIS B 130 -26.87 -22.37 -15.27
C HIS B 130 -26.65 -20.89 -15.55
N PHE B 131 -27.37 -20.37 -16.55
CA PHE B 131 -27.22 -19.01 -17.04
C PHE B 131 -28.26 -18.10 -16.39
N ASN B 132 -28.08 -16.79 -16.61
CA ASN B 132 -29.01 -15.77 -16.13
C ASN B 132 -29.12 -15.77 -14.61
N LEU B 133 -28.04 -16.17 -13.94
CA LEU B 133 -27.95 -16.17 -12.49
C LEU B 133 -26.64 -15.50 -12.09
N GLY B 134 -26.74 -14.36 -11.40
CA GLY B 134 -25.58 -13.66 -10.90
C GLY B 134 -25.46 -13.82 -9.39
N LEU B 135 -24.28 -14.23 -8.96
CA LEU B 135 -23.97 -14.34 -7.53
C LEU B 135 -24.04 -12.96 -6.86
N ASP B 136 -24.79 -12.88 -5.77
CA ASP B 136 -24.97 -11.66 -4.97
C ASP B 136 -24.20 -11.66 -3.66
N SER B 137 -24.15 -12.80 -2.95
CA SER B 137 -23.48 -12.86 -1.65
C SER B 137 -23.20 -14.31 -1.31
N VAL B 138 -22.25 -14.51 -0.40
CA VAL B 138 -21.84 -15.84 0.05
C VAL B 138 -21.86 -15.86 1.57
N ASP B 139 -22.50 -16.87 2.14
CA ASP B 139 -22.41 -17.14 3.57
C ASP B 139 -21.42 -18.29 3.72
N PHE B 140 -20.17 -17.96 4.08
CA PHE B 140 -19.15 -19.00 4.21
C PHE B 140 -19.39 -19.87 5.44
N ALA B 141 -19.99 -19.31 6.50
CA ALA B 141 -20.23 -20.07 7.71
C ALA B 141 -21.17 -21.25 7.45
N ARG B 142 -22.30 -20.98 6.80
CA ARG B 142 -23.30 -22.00 6.52
C ARG B 142 -23.16 -22.61 5.13
N GLN B 143 -22.16 -22.20 4.36
CA GLN B 143 -21.85 -22.80 3.06
C GLN B 143 -23.04 -22.68 2.10
N ARG B 144 -23.64 -21.51 2.05
CA ARG B 144 -24.70 -21.21 1.11
C ARG B 144 -24.37 -19.92 0.38
N LEU B 145 -24.88 -19.80 -0.83
CA LEU B 145 -24.74 -18.55 -1.57
C LEU B 145 -26.10 -18.16 -2.12
N THR B 146 -26.20 -16.90 -2.49
CA THR B 146 -27.43 -16.32 -3.01
C THR B 146 -27.17 -15.85 -4.43
N LEU B 147 -28.02 -16.28 -5.36
CA LEU B 147 -27.98 -15.87 -6.76
C LEU B 147 -29.26 -15.14 -7.10
N SER B 148 -29.21 -14.33 -8.16
CA SER B 148 -30.43 -13.67 -8.63
C SER B 148 -30.36 -13.43 -10.13
N ASN B 149 -31.54 -13.22 -10.74
CA ASN B 149 -31.62 -12.83 -12.13
C ASN B 149 -31.71 -11.30 -12.24
N VAL B 150 -31.83 -10.79 -13.47
CA VAL B 150 -31.87 -9.34 -13.67
C VAL B 150 -33.14 -8.74 -13.07
N SER B 151 -34.24 -9.49 -13.04
CA SER B 151 -35.48 -9.01 -12.44
C SER B 151 -35.43 -9.02 -10.92
N GLY B 152 -34.45 -9.67 -10.31
CA GLY B 152 -34.26 -9.61 -8.87
C GLY B 152 -34.79 -10.78 -8.08
N GLU B 153 -35.23 -11.85 -8.73
CA GLU B 153 -35.65 -13.04 -8.01
C GLU B 153 -34.44 -13.74 -7.41
N ARG B 154 -34.46 -13.99 -6.10
CA ARG B 154 -33.34 -14.57 -5.39
C ARG B 154 -33.45 -16.08 -5.32
N LEU B 155 -32.29 -16.75 -5.23
CA LEU B 155 -32.22 -18.20 -5.18
C LEU B 155 -31.00 -18.61 -4.37
N GLU B 156 -31.19 -19.57 -3.46
CA GLU B 156 -30.14 -20.01 -2.55
C GLU B 156 -29.67 -21.40 -2.90
N LYS B 157 -28.36 -21.60 -2.92
CA LYS B 157 -27.75 -22.89 -3.20
C LYS B 157 -26.71 -23.23 -2.13
N ARG B 158 -26.65 -24.51 -1.79
CA ARG B 158 -25.54 -25.04 -1.00
C ARG B 158 -24.32 -25.20 -1.88
N PHE B 159 -23.13 -25.00 -1.30
CA PHE B 159 -21.88 -25.26 -2.01
C PHE B 159 -20.91 -25.95 -1.06
N HIS B 160 -19.96 -26.69 -1.64
CA HIS B 160 -18.88 -27.35 -0.93
C HIS B 160 -17.54 -26.68 -1.23
N LEU B 161 -17.22 -26.55 -2.52
CA LEU B 161 -16.07 -25.78 -2.96
C LEU B 161 -16.57 -24.72 -3.93
N LEU B 162 -16.10 -23.49 -3.73
CA LEU B 162 -16.54 -22.36 -4.53
C LEU B 162 -15.35 -21.81 -5.31
N ILE B 163 -15.50 -21.71 -6.62
CA ILE B 163 -14.46 -21.19 -7.49
C ILE B 163 -14.95 -19.90 -8.11
N GLY B 164 -14.18 -18.84 -7.87
CA GLY B 164 -14.51 -17.52 -8.37
C GLY B 164 -13.80 -17.23 -9.67
N ALA B 165 -14.48 -17.48 -10.78
CA ALA B 165 -13.95 -17.20 -12.10
C ALA B 165 -14.83 -16.16 -12.78
N ASP B 166 -15.23 -15.15 -11.99
CA ASP B 166 -16.25 -14.20 -12.35
C ASP B 166 -15.68 -12.81 -12.65
N GLY B 167 -14.45 -12.77 -13.17
CA GLY B 167 -13.96 -11.58 -13.83
C GLY B 167 -13.38 -10.54 -12.89
N CYS B 168 -13.00 -9.42 -13.50
CA CYS B 168 -12.29 -8.38 -12.76
CA CYS B 168 -12.31 -8.34 -12.78
C CYS B 168 -13.14 -7.79 -11.65
N ASN B 169 -14.46 -7.77 -11.80
CA ASN B 169 -15.33 -7.26 -10.73
C ASN B 169 -16.01 -8.39 -9.98
N SER B 170 -15.20 -9.41 -9.67
CA SER B 170 -15.66 -10.66 -9.07
C SER B 170 -16.49 -10.43 -7.80
N ALA B 171 -17.68 -11.04 -7.78
CA ALA B 171 -18.49 -11.08 -6.57
C ALA B 171 -17.91 -12.06 -5.53
N VAL B 172 -17.29 -13.15 -5.98
CA VAL B 172 -16.69 -14.10 -5.04
C VAL B 172 -15.57 -13.43 -4.25
N ARG B 173 -14.68 -12.71 -4.96
CA ARG B 173 -13.63 -11.97 -4.27
C ARG B 173 -14.22 -10.97 -3.29
N GLN B 174 -15.27 -10.26 -3.71
CA GLN B 174 -15.96 -9.32 -2.85
C GLN B 174 -16.47 -10.00 -1.58
N ALA B 175 -17.01 -11.21 -1.71
CA ALA B 175 -17.54 -11.91 -0.55
C ALA B 175 -16.42 -12.46 0.33
N MET B 176 -15.31 -12.90 -0.28
CA MET B 176 -14.18 -13.38 0.49
C MET B 176 -13.62 -12.29 1.39
N ALA B 177 -13.68 -11.02 0.95
CA ALA B 177 -13.17 -9.91 1.73
C ALA B 177 -13.87 -9.75 3.08
N SER B 178 -14.92 -10.52 3.35
CA SER B 178 -15.62 -10.46 4.62
CA SER B 178 -15.62 -10.46 4.62
C SER B 178 -15.08 -11.45 5.64
N VAL B 179 -14.47 -12.54 5.19
CA VAL B 179 -13.95 -13.55 6.09
C VAL B 179 -12.43 -13.54 6.19
N VAL B 180 -11.72 -13.01 5.18
CA VAL B 180 -10.27 -12.88 5.26
C VAL B 180 -9.88 -11.51 4.75
N ASP B 181 -8.76 -11.00 5.27
CA ASP B 181 -8.14 -9.80 4.72
C ASP B 181 -7.41 -10.21 3.45
N LEU B 182 -7.96 -9.82 2.29
CA LEU B 182 -7.34 -10.23 1.04
C LEU B 182 -6.05 -9.48 0.75
N GLY B 183 -5.74 -8.43 1.51
CA GLY B 183 -4.53 -7.66 1.25
C GLY B 183 -4.52 -7.06 -0.13
N GLU B 184 -5.59 -6.36 -0.50
CA GLU B 184 -5.76 -5.86 -1.85
C GLU B 184 -5.04 -4.52 -2.01
N HIS B 185 -4.36 -4.37 -3.14
CA HIS B 185 -3.79 -3.10 -3.55
C HIS B 185 -4.33 -2.79 -4.94
N LEU B 186 -5.13 -1.74 -5.03
CA LEU B 186 -5.69 -1.32 -6.31
C LEU B 186 -4.80 -0.25 -6.92
N GLU B 187 -4.36 -0.48 -8.15
CA GLU B 187 -3.59 0.51 -8.90
C GLU B 187 -4.42 0.91 -10.10
N THR B 188 -4.93 2.14 -10.09
CA THR B 188 -5.79 2.62 -11.16
C THR B 188 -4.95 2.97 -12.38
N GLN B 189 -5.58 2.84 -13.54
CA GLN B 189 -4.96 3.20 -14.80
C GLN B 189 -5.63 4.43 -15.37
N PRO B 190 -4.87 5.48 -15.72
CA PRO B 190 -5.50 6.67 -16.30
C PRO B 190 -6.08 6.45 -17.68
N HIS B 191 -5.86 5.29 -18.28
CA HIS B 191 -6.34 5.01 -19.63
C HIS B 191 -7.68 4.30 -19.59
N GLY B 192 -8.63 4.81 -20.38
CA GLY B 192 -9.83 4.07 -20.72
C GLY B 192 -9.69 3.48 -22.11
N TYR B 193 -10.70 2.70 -22.51
CA TYR B 193 -10.68 2.12 -23.84
C TYR B 193 -12.09 2.16 -24.43
N LYS B 194 -12.14 2.21 -25.76
CA LYS B 194 -13.38 2.19 -26.52
C LYS B 194 -13.19 1.23 -27.67
N GLU B 195 -14.17 0.36 -27.88
CA GLU B 195 -14.08 -0.66 -28.92
C GLU B 195 -14.81 -0.18 -30.16
N LEU B 196 -14.12 -0.20 -31.29
CA LEU B 196 -14.65 0.24 -32.58
C LEU B 196 -14.52 -0.88 -33.61
N GLN B 197 -15.17 -0.70 -34.76
CA GLN B 197 -15.30 -1.78 -35.74
C GLN B 197 -14.84 -1.33 -37.12
N ILE B 198 -14.19 -2.23 -37.85
CA ILE B 198 -13.90 -2.04 -39.27
C ILE B 198 -14.61 -3.14 -40.03
N THR B 199 -15.49 -2.76 -40.96
CA THR B 199 -16.22 -3.75 -41.75
C THR B 199 -15.27 -4.50 -42.67
N PRO B 200 -15.64 -5.72 -43.08
CA PRO B 200 -14.82 -6.44 -44.07
C PRO B 200 -14.60 -5.66 -45.36
N GLU B 201 -15.62 -4.92 -45.79
CA GLU B 201 -15.50 -4.13 -47.01
C GLU B 201 -14.52 -2.97 -46.82
N ALA B 202 -14.53 -2.34 -45.65
CA ALA B 202 -13.60 -1.23 -45.45
C ALA B 202 -12.17 -1.73 -45.32
N SER B 203 -11.95 -2.88 -44.67
CA SER B 203 -10.58 -3.36 -44.49
C SER B 203 -9.98 -3.78 -45.84
N ALA B 204 -10.79 -4.41 -46.69
CA ALA B 204 -10.30 -4.79 -48.02
C ALA B 204 -10.08 -3.56 -48.89
N GLN B 205 -10.96 -2.56 -48.77
CA GLN B 205 -10.83 -1.36 -49.59
C GLN B 205 -9.52 -0.61 -49.27
N PHE B 206 -9.12 -0.59 -48.00
CA PHE B 206 -7.87 0.07 -47.63
C PHE B 206 -6.71 -0.90 -47.44
N ASN B 207 -6.89 -2.17 -47.82
CA ASN B 207 -5.80 -3.15 -47.87
C ASN B 207 -5.16 -3.39 -46.50
N LEU B 208 -5.97 -3.38 -45.45
CA LEU B 208 -5.47 -3.74 -44.13
C LEU B 208 -5.15 -5.24 -44.10
N GLU B 209 -3.89 -5.57 -43.83
CA GLU B 209 -3.45 -6.98 -43.86
C GLU B 209 -4.22 -7.81 -42.84
N PRO B 210 -4.86 -8.92 -43.25
CA PRO B 210 -5.62 -9.72 -42.27
C PRO B 210 -4.74 -10.54 -41.34
N ASN B 211 -3.57 -10.99 -41.79
CA ASN B 211 -2.77 -11.90 -40.97
C ASN B 211 -1.71 -11.16 -40.16
N ALA B 212 -2.11 -10.12 -39.44
CA ALA B 212 -1.19 -9.35 -38.61
C ALA B 212 -1.99 -8.63 -37.53
N LEU B 213 -1.29 -8.26 -36.47
CA LEU B 213 -1.84 -7.40 -35.43
C LEU B 213 -1.42 -5.98 -35.74
N HIS B 214 -2.39 -5.06 -35.78
CA HIS B 214 -2.12 -3.69 -36.22
C HIS B 214 -2.04 -2.75 -35.02
N ILE B 215 -1.14 -1.76 -35.10
CA ILE B 215 -0.93 -0.80 -34.02
C ILE B 215 -0.79 0.60 -34.60
N TRP B 216 -1.56 1.54 -34.08
CA TRP B 216 -1.42 2.96 -34.38
C TRP B 216 -0.85 3.66 -33.15
N PRO B 217 0.47 3.70 -32.97
CA PRO B 217 1.04 4.38 -31.80
C PRO B 217 0.88 5.88 -31.87
N HIS B 218 0.70 6.50 -30.70
CA HIS B 218 0.61 7.95 -30.62
C HIS B 218 0.92 8.47 -29.21
N GLY B 219 1.92 7.90 -28.56
CA GLY B 219 2.34 8.38 -27.25
C GLY B 219 1.39 8.05 -26.11
N ASP B 220 0.75 9.07 -25.54
CA ASP B 220 -0.16 8.84 -24.42
C ASP B 220 -1.46 8.19 -24.83
N TYR B 221 -1.73 8.07 -26.12
CA TYR B 221 -2.88 7.31 -26.59
C TYR B 221 -2.47 6.49 -27.80
N MET B 222 -3.31 5.53 -28.17
CA MET B 222 -2.99 4.62 -29.26
C MET B 222 -4.23 3.82 -29.65
N CYS B 223 -4.12 3.11 -30.77
CA CYS B 223 -5.12 2.16 -31.22
C CYS B 223 -4.46 0.84 -31.57
N ILE B 224 -5.21 -0.25 -31.43
CA ILE B 224 -4.81 -1.56 -31.90
C ILE B 224 -5.98 -2.17 -32.63
N ALA B 225 -5.69 -3.04 -33.58
CA ALA B 225 -6.75 -3.75 -34.29
C ALA B 225 -6.35 -5.21 -34.45
N LEU B 226 -7.33 -6.08 -34.26
CA LEU B 226 -7.19 -7.52 -34.42
C LEU B 226 -8.21 -8.02 -35.43
N PRO B 227 -7.82 -8.97 -36.29
CA PRO B 227 -8.68 -9.39 -37.40
C PRO B 227 -9.61 -10.54 -37.02
N ASN B 228 -10.75 -10.55 -37.72
CA ASN B 228 -11.77 -11.60 -37.67
C ASN B 228 -11.69 -12.50 -38.90
N LEU B 229 -12.43 -13.60 -38.86
CA LEU B 229 -12.45 -14.56 -39.96
C LEU B 229 -13.04 -13.95 -41.23
N ASP B 230 -14.02 -13.07 -41.07
CA ASP B 230 -14.73 -12.45 -42.19
C ASP B 230 -14.02 -11.21 -42.71
N ARG B 231 -12.79 -10.96 -42.30
CA ARG B 231 -11.93 -9.81 -42.66
C ARG B 231 -12.34 -8.52 -41.96
N SER B 232 -13.40 -8.51 -41.16
CA SER B 232 -13.59 -7.36 -40.30
C SER B 232 -12.50 -7.31 -39.24
N PHE B 233 -12.30 -6.13 -38.67
CA PHE B 233 -11.39 -5.94 -37.54
C PHE B 233 -12.14 -5.33 -36.37
N THR B 234 -11.70 -5.65 -35.16
CA THR B 234 -12.13 -4.94 -33.96
C THR B 234 -10.99 -4.03 -33.53
N VAL B 235 -11.30 -2.75 -33.36
CA VAL B 235 -10.32 -1.71 -33.07
C VAL B 235 -10.54 -1.23 -31.65
N THR B 236 -9.46 -1.12 -30.88
CA THR B 236 -9.51 -0.57 -29.53
C THR B 236 -8.68 0.70 -29.48
N LEU B 237 -9.30 1.78 -29.02
CA LEU B 237 -8.62 3.03 -28.72
C LEU B 237 -8.29 3.04 -27.23
N PHE B 238 -7.03 3.32 -26.90
CA PHE B 238 -6.61 3.50 -25.52
C PHE B 238 -6.28 4.98 -25.32
N LEU B 239 -6.96 5.62 -24.36
CA LEU B 239 -6.90 7.07 -24.23
C LEU B 239 -7.24 7.45 -22.79
N HIS B 240 -6.59 8.52 -22.30
CA HIS B 240 -6.83 9.01 -20.95
C HIS B 240 -8.30 9.30 -20.73
N HIS B 241 -8.84 8.85 -19.59
CA HIS B 241 -10.16 9.29 -19.17
C HIS B 241 -10.24 10.81 -19.12
N GLN B 242 -9.32 11.42 -18.36
CA GLN B 242 -9.34 12.85 -18.06
C GLN B 242 -8.02 13.47 -18.46
N SER B 243 -8.07 14.75 -18.85
CA SER B 243 -6.85 15.49 -19.15
C SER B 243 -6.23 15.97 -17.83
N PRO B 244 -4.93 15.77 -17.63
CA PRO B 244 -4.31 16.23 -16.38
C PRO B 244 -4.28 17.74 -16.29
N ALA B 245 -4.20 18.25 -15.06
CA ALA B 245 -4.09 19.69 -14.89
C ALA B 245 -2.80 20.24 -15.47
N ALA B 246 -1.74 19.41 -15.51
CA ALA B 246 -0.47 19.84 -16.07
C ALA B 246 -0.55 20.03 -17.58
N GLN B 247 -1.32 19.19 -18.26
CA GLN B 247 -1.56 19.29 -19.70
C GLN B 247 -3.07 19.30 -19.90
N PRO B 248 -3.72 20.45 -19.66
CA PRO B 248 -5.19 20.48 -19.65
C PRO B 248 -5.83 20.37 -21.02
N ALA B 249 -5.10 20.66 -22.10
CA ALA B 249 -5.63 20.57 -23.45
C ALA B 249 -5.29 19.26 -24.14
N SER B 250 -4.58 18.37 -23.45
CA SER B 250 -4.20 17.10 -24.06
C SER B 250 -5.44 16.24 -24.29
N PRO B 251 -5.42 15.41 -25.32
CA PRO B 251 -6.63 14.63 -25.64
C PRO B 251 -6.99 13.67 -24.52
N SER B 252 -8.29 13.55 -24.27
CA SER B 252 -8.81 12.58 -23.32
C SER B 252 -10.25 12.28 -23.70
N PHE B 253 -10.83 11.28 -23.02
CA PHE B 253 -12.22 10.96 -23.28
C PHE B 253 -13.16 12.10 -22.90
N ALA B 254 -12.81 12.87 -21.86
CA ALA B 254 -13.67 13.98 -21.44
C ALA B 254 -13.84 15.01 -22.54
N GLN B 255 -12.81 15.24 -23.35
CA GLN B 255 -12.91 16.20 -24.44
C GLN B 255 -13.77 15.70 -25.59
N LEU B 256 -13.96 14.39 -25.72
CA LEU B 256 -14.74 13.83 -26.81
C LEU B 256 -16.19 13.72 -26.35
N VAL B 257 -16.93 14.83 -26.52
CA VAL B 257 -18.24 14.94 -25.90
C VAL B 257 -19.29 14.15 -26.67
N ASP B 258 -19.06 13.92 -27.97
CA ASP B 258 -20.01 13.21 -28.81
C ASP B 258 -19.24 12.48 -29.91
N GLY B 259 -19.96 11.70 -30.72
CA GLY B 259 -19.32 11.00 -31.81
C GLY B 259 -18.71 11.91 -32.85
N HIS B 260 -19.31 13.10 -33.06
CA HIS B 260 -18.73 14.07 -33.98
C HIS B 260 -17.35 14.53 -33.51
N ALA B 261 -17.20 14.75 -32.21
CA ALA B 261 -15.88 15.08 -31.66
C ALA B 261 -14.91 13.93 -31.88
N ALA B 262 -15.38 12.69 -31.71
CA ALA B 262 -14.49 11.56 -31.92
C ALA B 262 -14.01 11.51 -33.37
N ARG B 263 -14.91 11.77 -34.33
CA ARG B 263 -14.52 11.76 -35.74
C ARG B 263 -13.43 12.79 -36.03
N ARG B 264 -13.59 14.02 -35.53
CA ARG B 264 -12.57 15.03 -35.74
C ARG B 264 -11.26 14.62 -35.07
N PHE B 265 -11.34 14.02 -33.88
CA PHE B 265 -10.16 13.52 -33.20
C PHE B 265 -9.46 12.44 -34.04
N PHE B 266 -10.23 11.53 -34.62
CA PHE B 266 -9.59 10.48 -35.40
C PHE B 266 -9.06 11.02 -36.73
N GLN B 267 -9.77 11.99 -37.33
CA GLN B 267 -9.29 12.60 -38.56
C GLN B 267 -7.97 13.32 -38.37
N ARG B 268 -7.77 13.91 -37.19
CA ARG B 268 -6.51 14.62 -36.95
C ARG B 268 -5.39 13.69 -36.50
N GLN B 269 -5.65 12.84 -35.51
CA GLN B 269 -4.59 12.05 -34.88
C GLN B 269 -4.41 10.67 -35.48
N PHE B 270 -5.41 10.12 -36.17
CA PHE B 270 -5.31 8.83 -36.84
C PHE B 270 -5.85 8.94 -38.26
N PRO B 271 -5.22 9.76 -39.11
CA PRO B 271 -5.81 10.05 -40.44
C PRO B 271 -5.90 8.84 -41.36
N ASP B 272 -5.08 7.81 -41.15
CA ASP B 272 -5.16 6.62 -41.98
C ASP B 272 -6.13 5.59 -41.45
N LEU B 273 -6.53 5.70 -40.18
CA LEU B 273 -7.49 4.79 -39.57
C LEU B 273 -8.92 5.30 -39.68
N SER B 274 -9.11 6.61 -39.56
CA SER B 274 -10.45 7.18 -39.62
C SER B 274 -11.25 6.76 -40.85
N PRO B 275 -10.69 6.74 -42.07
CA PRO B 275 -11.52 6.33 -43.22
C PRO B 275 -12.08 4.93 -43.12
N MET B 276 -11.44 4.06 -42.34
CA MET B 276 -11.89 2.68 -42.20
C MET B 276 -12.96 2.51 -41.12
N LEU B 277 -13.19 3.54 -40.31
CA LEU B 277 -14.15 3.50 -39.21
C LEU B 277 -15.44 4.16 -39.67
N ASP B 278 -16.26 3.38 -40.38
CA ASP B 278 -17.48 3.92 -40.98
C ASP B 278 -18.52 4.25 -39.92
N SER B 279 -18.58 3.46 -38.86
CA SER B 279 -19.58 3.63 -37.79
C SER B 279 -18.97 4.22 -36.52
N LEU B 280 -17.87 4.97 -36.67
CA LEU B 280 -17.19 5.55 -35.52
C LEU B 280 -18.13 6.36 -34.62
N GLU B 281 -18.96 7.22 -35.21
CA GLU B 281 -19.83 8.07 -34.38
C GLU B 281 -20.79 7.24 -33.54
N GLN B 282 -21.42 6.24 -34.16
CA GLN B 282 -22.37 5.39 -33.45
C GLN B 282 -21.68 4.51 -32.43
N ASP B 283 -20.58 3.85 -32.83
CA ASP B 283 -19.84 3.01 -31.89
C ASP B 283 -19.36 3.82 -30.70
N PHE B 284 -19.07 5.09 -30.90
CA PHE B 284 -18.50 5.89 -29.82
C PHE B 284 -19.55 6.25 -28.78
N GLU B 285 -20.78 6.52 -29.22
CA GLU B 285 -21.85 6.88 -28.31
C GLU B 285 -22.61 5.67 -27.80
N HIS B 286 -22.76 4.63 -28.60
CA HIS B 286 -23.56 3.47 -28.23
C HIS B 286 -22.76 2.39 -27.50
N HIS B 287 -21.45 2.58 -27.35
CA HIS B 287 -20.64 1.64 -26.58
C HIS B 287 -20.10 2.33 -25.33
N PRO B 288 -20.01 1.63 -24.20
CA PRO B 288 -19.47 2.25 -22.99
C PRO B 288 -17.94 2.30 -23.00
N THR B 289 -17.41 3.32 -22.30
CA THR B 289 -15.96 3.45 -22.14
C THR B 289 -15.49 2.51 -21.03
N GLY B 290 -14.62 1.57 -21.39
CA GLY B 290 -14.15 0.60 -20.42
C GLY B 290 -13.08 1.15 -19.49
N LYS B 291 -13.02 0.55 -18.30
CA LYS B 291 -12.04 0.90 -17.27
C LYS B 291 -10.95 -0.16 -17.19
N LEU B 292 -9.75 0.29 -16.85
CA LEU B 292 -8.57 -0.55 -16.72
C LEU B 292 -7.96 -0.38 -15.33
N ALA B 293 -7.42 -1.48 -14.80
CA ALA B 293 -6.80 -1.42 -13.47
C ALA B 293 -5.89 -2.64 -13.27
N THR B 294 -5.03 -2.53 -12.27
CA THR B 294 -4.22 -3.64 -11.77
C THR B 294 -4.59 -3.83 -10.31
N LEU B 295 -5.03 -5.02 -9.95
CA LEU B 295 -5.37 -5.32 -8.56
C LEU B 295 -4.56 -6.53 -8.12
N ARG B 296 -3.88 -6.39 -6.99
CA ARG B 296 -2.99 -7.44 -6.48
C ARG B 296 -3.49 -7.91 -5.13
N LEU B 297 -3.60 -9.23 -4.97
CA LEU B 297 -4.13 -9.82 -3.76
C LEU B 297 -3.06 -10.62 -3.02
N THR B 298 -3.03 -10.45 -1.70
CA THR B 298 -2.13 -11.27 -0.89
C THR B 298 -2.60 -12.72 -0.85
N THR B 299 -3.89 -12.94 -0.69
CA THR B 299 -4.44 -14.29 -0.64
C THR B 299 -5.55 -14.45 -1.65
N TRP B 300 -5.58 -15.62 -2.28
CA TRP B 300 -6.55 -15.97 -3.31
C TRP B 300 -7.57 -16.98 -2.84
N HIS B 301 -7.52 -17.42 -1.58
CA HIS B 301 -8.42 -18.48 -1.15
C HIS B 301 -8.81 -18.28 0.31
N VAL B 302 -9.89 -18.93 0.67
CA VAL B 302 -10.33 -19.02 2.05
C VAL B 302 -10.30 -20.49 2.43
N GLY B 303 -9.30 -20.89 3.21
CA GLY B 303 -9.15 -22.29 3.59
C GLY B 303 -9.30 -23.21 2.38
N GLY B 304 -10.14 -24.22 2.52
CA GLY B 304 -10.53 -25.06 1.39
C GLY B 304 -11.93 -24.80 0.89
N GLN B 305 -12.47 -23.61 1.19
CA GLN B 305 -13.84 -23.28 0.81
C GLN B 305 -13.94 -22.57 -0.54
N ALA B 306 -13.06 -21.59 -0.79
CA ALA B 306 -13.20 -20.75 -1.97
C ALA B 306 -11.83 -20.33 -2.48
N VAL B 307 -11.75 -20.16 -3.80
CA VAL B 307 -10.52 -19.79 -4.46
C VAL B 307 -10.87 -18.90 -5.64
N LEU B 308 -9.96 -17.97 -5.96
CA LEU B 308 -10.09 -17.10 -7.11
C LEU B 308 -9.11 -17.54 -8.19
N LEU B 309 -9.48 -17.31 -9.45
CA LEU B 309 -8.53 -17.47 -10.54
C LEU B 309 -8.92 -16.52 -11.65
N GLY B 310 -8.02 -16.36 -12.61
CA GLY B 310 -8.27 -15.42 -13.72
C GLY B 310 -8.30 -13.96 -13.26
N ASP B 311 -9.13 -13.17 -13.94
CA ASP B 311 -9.32 -11.77 -13.59
C ASP B 311 -9.89 -11.59 -12.19
N ALA B 312 -10.63 -12.58 -11.67
CA ALA B 312 -11.08 -12.49 -10.29
C ALA B 312 -9.89 -12.37 -9.34
N ALA B 313 -8.80 -13.08 -9.63
CA ALA B 313 -7.65 -13.11 -8.73
C ALA B 313 -6.67 -11.99 -8.97
N HIS B 314 -6.48 -11.56 -10.21
CA HIS B 314 -5.35 -10.70 -10.54
C HIS B 314 -5.67 -9.87 -11.77
N PRO B 315 -6.63 -8.94 -11.67
CA PRO B 315 -6.87 -8.03 -12.80
C PRO B 315 -5.59 -7.33 -13.21
N MET B 316 -5.42 -7.13 -14.51
CA MET B 316 -4.23 -6.52 -15.07
C MET B 316 -4.63 -5.66 -16.26
N VAL B 317 -3.70 -4.85 -16.73
CA VAL B 317 -3.93 -3.98 -17.89
C VAL B 317 -3.77 -4.83 -19.13
N PRO B 318 -4.55 -4.61 -20.19
CA PRO B 318 -4.53 -5.53 -21.34
C PRO B 318 -3.38 -5.31 -22.32
N PHE B 319 -2.34 -4.57 -21.94
CA PHE B 319 -1.35 -4.12 -22.91
C PHE B 319 -0.41 -5.21 -23.39
N HIS B 320 -0.37 -6.38 -22.77
CA HIS B 320 0.48 -7.45 -23.26
C HIS B 320 -0.31 -8.56 -23.95
N GLY B 321 -1.63 -8.42 -24.06
CA GLY B 321 -2.48 -9.47 -24.58
C GLY B 321 -2.26 -10.79 -23.88
N GLN B 322 -2.23 -10.78 -22.54
CA GLN B 322 -1.96 -11.99 -21.78
C GLN B 322 -3.00 -12.33 -20.73
N GLY B 323 -4.00 -11.48 -20.50
CA GLY B 323 -4.99 -11.77 -19.47
C GLY B 323 -5.72 -13.08 -19.69
N MET B 324 -6.22 -13.29 -20.91
CA MET B 324 -6.86 -14.57 -21.23
C MET B 324 -5.87 -15.71 -21.11
N ASN B 325 -4.66 -15.53 -21.65
CA ASN B 325 -3.69 -16.62 -21.65
C ASN B 325 -3.32 -17.03 -20.23
N CYS B 326 -3.19 -16.04 -19.34
CA CYS B 326 -2.91 -16.32 -17.94
C CYS B 326 -4.10 -17.00 -17.27
N ALA B 327 -5.32 -16.59 -17.63
CA ALA B 327 -6.51 -17.19 -17.04
C ALA B 327 -6.64 -18.66 -17.44
N LEU B 328 -6.41 -18.97 -18.72
CA LEU B 328 -6.45 -20.37 -19.11
C LEU B 328 -5.33 -21.14 -18.42
N GLU B 329 -4.17 -20.52 -18.24
CA GLU B 329 -3.08 -21.15 -17.49
C GLU B 329 -3.50 -21.44 -16.05
N ASP B 330 -4.13 -20.47 -15.38
CA ASP B 330 -4.62 -20.69 -14.01
C ASP B 330 -5.57 -21.88 -13.96
N ALA B 331 -6.44 -22.01 -14.96
CA ALA B 331 -7.44 -23.07 -14.91
C ALA B 331 -6.79 -24.46 -14.92
N VAL B 332 -5.76 -24.65 -15.76
CA VAL B 332 -5.04 -25.93 -15.80
C VAL B 332 -4.39 -26.21 -14.45
N ALA B 333 -3.70 -25.22 -13.89
CA ALA B 333 -3.04 -25.38 -12.60
C ALA B 333 -4.06 -25.71 -11.50
N LEU B 334 -5.15 -24.95 -11.43
CA LEU B 334 -6.14 -25.17 -10.38
C LEU B 334 -6.74 -26.56 -10.48
N ALA B 335 -7.09 -27.01 -11.70
CA ALA B 335 -7.61 -28.36 -11.86
C ALA B 335 -6.57 -29.41 -11.45
N GLU B 336 -5.30 -29.19 -11.82
CA GLU B 336 -4.25 -30.16 -11.45
C GLU B 336 -4.15 -30.30 -9.94
N HIS B 337 -4.09 -29.18 -9.22
CA HIS B 337 -3.98 -29.22 -7.76
C HIS B 337 -5.23 -29.80 -7.12
N LEU B 338 -6.42 -29.35 -7.54
CA LEU B 338 -7.66 -29.87 -6.96
C LEU B 338 -7.75 -31.38 -7.13
N GLN B 339 -7.26 -31.89 -8.24
CA GLN B 339 -7.46 -33.29 -8.54
C GLN B 339 -6.60 -34.21 -7.68
N SER B 340 -5.41 -33.76 -7.28
CA SER B 340 -4.43 -34.66 -6.68
CA SER B 340 -4.43 -34.66 -6.68
C SER B 340 -4.02 -34.29 -5.26
N ALA B 341 -4.61 -33.25 -4.67
CA ALA B 341 -4.19 -32.83 -3.34
C ALA B 341 -4.77 -33.75 -2.26
N ALA B 342 -4.18 -33.67 -1.06
CA ALA B 342 -4.74 -34.38 0.08
C ALA B 342 -6.15 -33.90 0.39
N ASP B 343 -6.40 -32.61 0.24
CA ASP B 343 -7.71 -32.03 0.47
C ASP B 343 -7.79 -30.71 -0.27
N ASN B 344 -8.98 -30.14 -0.30
CA ASN B 344 -9.18 -28.87 -1.02
C ASN B 344 -8.31 -27.77 -0.43
N ALA B 345 -8.21 -27.69 0.90
CA ALA B 345 -7.40 -26.65 1.53
C ALA B 345 -5.94 -26.72 1.08
N SER B 346 -5.38 -27.93 1.00
CA SER B 346 -4.01 -28.05 0.53
C SER B 346 -3.92 -27.67 -0.94
N ALA B 347 -4.93 -28.04 -1.72
CA ALA B 347 -4.96 -27.70 -3.14
C ALA B 347 -4.97 -26.19 -3.35
N LEU B 348 -5.84 -25.48 -2.63
CA LEU B 348 -5.98 -24.04 -2.88
C LEU B 348 -4.76 -23.28 -2.43
N ALA B 349 -4.12 -23.72 -1.33
CA ALA B 349 -2.90 -23.06 -0.89
C ALA B 349 -1.75 -23.32 -1.86
N ALA B 350 -1.65 -24.55 -2.36
CA ALA B 350 -0.57 -24.87 -3.29
C ALA B 350 -0.79 -24.19 -4.64
N PHE B 351 -2.03 -24.16 -5.12
CA PHE B 351 -2.33 -23.40 -6.34
C PHE B 351 -1.91 -21.94 -6.21
N THR B 352 -2.35 -21.30 -5.12
CA THR B 352 -1.95 -19.92 -4.86
C THR B 352 -0.43 -19.76 -4.91
N ALA B 353 0.30 -20.60 -4.17
CA ALA B 353 1.75 -20.42 -4.10
C ALA B 353 2.39 -20.58 -5.47
N GLN B 354 1.89 -21.51 -6.28
CA GLN B 354 2.46 -21.71 -7.61
C GLN B 354 2.22 -20.52 -8.52
N ARG B 355 0.99 -19.97 -8.52
CA ARG B 355 0.59 -19.04 -9.56
C ARG B 355 0.77 -17.58 -9.15
N GLN B 356 0.66 -17.28 -7.85
CA GLN B 356 0.77 -15.90 -7.38
C GLN B 356 2.02 -15.17 -7.88
N PRO B 357 3.23 -15.76 -7.83
CA PRO B 357 4.39 -15.00 -8.33
C PRO B 357 4.33 -14.77 -9.83
N ASP B 358 3.75 -15.70 -10.57
CA ASP B 358 3.65 -15.53 -12.02
C ASP B 358 2.65 -14.43 -12.38
N ALA B 359 1.52 -14.38 -11.66
CA ALA B 359 0.56 -13.30 -11.88
C ALA B 359 1.19 -11.93 -11.63
N LEU B 360 1.97 -11.79 -10.56
CA LEU B 360 2.62 -10.51 -10.30
C LEU B 360 3.54 -10.13 -11.45
N ALA B 361 4.30 -11.09 -11.99
CA ALA B 361 5.22 -10.81 -13.07
C ALA B 361 4.49 -10.29 -14.31
N ILE B 362 3.42 -10.97 -14.73
CA ILE B 362 2.72 -10.52 -15.94
C ILE B 362 1.97 -9.21 -15.66
N GLN B 363 1.46 -9.03 -14.44
CA GLN B 363 0.88 -7.74 -14.07
C GLN B 363 1.90 -6.62 -14.21
N ALA B 364 3.13 -6.85 -13.78
CA ALA B 364 4.16 -5.83 -13.94
C ALA B 364 4.54 -5.65 -15.41
N MET B 365 4.73 -6.77 -16.14
CA MET B 365 5.17 -6.68 -17.52
C MET B 365 4.10 -6.08 -18.42
N ALA B 366 2.82 -6.27 -18.07
CA ALA B 366 1.75 -5.68 -18.87
C ALA B 366 1.76 -4.16 -18.77
N LEU B 367 2.01 -3.63 -17.57
CA LEU B 367 2.12 -2.19 -17.38
C LEU B 367 3.27 -1.62 -18.21
N GLU B 368 4.46 -2.22 -18.08
CA GLU B 368 5.63 -1.74 -18.83
C GLU B 368 5.39 -1.75 -20.34
N ASN B 369 4.62 -2.73 -20.84
CA ASN B 369 4.49 -2.93 -22.28
C ASN B 369 3.74 -1.81 -22.98
N TYR B 370 3.05 -0.93 -22.23
CA TYR B 370 2.37 0.19 -22.87
C TYR B 370 3.36 1.11 -23.58
N VAL B 371 4.47 1.46 -22.92
CA VAL B 371 5.44 2.37 -23.54
C VAL B 371 6.07 1.72 -24.77
N GLU B 372 6.09 0.38 -24.82
CA GLU B 372 6.62 -0.31 -25.99
C GLU B 372 5.62 -0.28 -27.14
N MET B 373 4.34 -0.51 -26.86
CA MET B 373 3.32 -0.41 -27.91
C MET B 373 3.11 1.03 -28.34
N SER B 374 2.88 1.92 -27.38
CA SER B 374 2.74 3.33 -27.70
C SER B 374 4.04 3.85 -28.30
N SER B 375 3.98 5.07 -28.83
CA SER B 375 5.11 5.67 -29.54
C SER B 375 6.38 5.58 -28.70
N LYS B 376 7.26 4.63 -29.03
CA LYS B 376 8.53 4.50 -28.35
C LYS B 376 9.36 5.77 -28.51
N VAL B 377 10.34 5.93 -27.64
CA VAL B 377 11.22 7.09 -27.70
C VAL B 377 12.08 7.12 -28.96
N ALA B 378 12.06 6.06 -29.78
CA ALA B 378 12.82 5.98 -31.03
C ALA B 378 14.31 6.24 -30.80
N SER B 379 14.77 5.94 -29.60
CA SER B 379 16.17 6.19 -29.25
C SER B 379 17.07 5.24 -30.02
N PRO B 380 18.15 5.74 -30.62
CA PRO B 380 19.13 4.82 -31.24
C PRO B 380 19.68 3.80 -30.25
N THR B 381 19.69 4.14 -28.96
CA THR B 381 20.03 3.15 -27.94
C THR B 381 19.14 1.92 -28.05
N TYR B 382 17.82 2.14 -28.12
CA TYR B 382 16.88 1.04 -28.26
C TYR B 382 17.07 0.33 -29.59
N LEU B 383 17.30 1.09 -30.67
CA LEU B 383 17.54 0.47 -31.97
C LEU B 383 18.81 -0.36 -31.94
N LEU B 384 19.89 0.18 -31.38
CA LEU B 384 21.14 -0.56 -31.30
C LEU B 384 21.01 -1.77 -30.38
N GLU B 385 20.32 -1.62 -29.25
CA GLU B 385 20.10 -2.75 -28.35
C GLU B 385 19.29 -3.85 -29.03
N ARG B 386 18.29 -3.46 -29.83
CA ARG B 386 17.48 -4.46 -30.52
C ARG B 386 18.29 -5.16 -31.62
N GLU B 387 19.14 -4.41 -32.32
CA GLU B 387 20.01 -5.04 -33.31
C GLU B 387 20.98 -6.01 -32.65
N LEU B 388 21.58 -5.58 -31.53
CA LEU B 388 22.47 -6.48 -30.79
C LEU B 388 21.71 -7.65 -30.20
N GLY B 389 20.47 -7.42 -29.75
CA GLY B 389 19.67 -8.51 -29.22
C GLY B 389 19.33 -9.55 -30.27
N GLN B 390 19.08 -9.12 -31.50
CA GLN B 390 18.86 -10.07 -32.59
C GLN B 390 20.11 -10.89 -32.87
N ILE B 391 21.29 -10.28 -32.76
CA ILE B 391 22.53 -11.01 -32.95
C ILE B 391 22.68 -12.09 -31.89
N MET B 392 22.46 -11.72 -30.62
CA MET B 392 22.60 -12.69 -29.54
C MET B 392 21.52 -13.76 -29.62
N ALA B 393 20.32 -13.40 -30.06
CA ALA B 393 19.26 -14.40 -30.24
C ALA B 393 19.63 -15.43 -31.30
N GLN B 394 20.44 -15.04 -32.29
CA GLN B 394 20.88 -15.98 -33.32
C GLN B 394 22.13 -16.76 -32.91
N ARG B 395 22.99 -16.17 -32.07
CA ARG B 395 24.16 -16.89 -31.60
C ARG B 395 23.77 -17.92 -30.53
N GLN B 396 22.96 -17.50 -29.57
CA GLN B 396 22.46 -18.36 -28.49
C GLN B 396 20.94 -18.34 -28.53
N PRO B 397 20.33 -19.18 -29.37
CA PRO B 397 18.86 -19.15 -29.50
C PRO B 397 18.12 -19.68 -28.28
N THR B 398 18.78 -20.43 -27.41
CA THR B 398 18.19 -20.95 -26.19
C THR B 398 18.67 -20.23 -24.94
N ARG B 399 19.50 -19.19 -25.09
CA ARG B 399 19.94 -18.36 -23.97
C ARG B 399 19.40 -16.95 -24.05
N PHE B 400 19.52 -16.30 -25.21
CA PHE B 400 19.02 -14.95 -25.42
C PHE B 400 17.73 -15.03 -26.24
N ILE B 401 16.62 -15.20 -25.54
CA ILE B 401 15.28 -15.17 -26.10
C ILE B 401 14.63 -13.85 -25.69
N PRO B 402 14.30 -12.96 -26.62
CA PRO B 402 13.65 -11.70 -26.25
C PRO B 402 12.46 -11.92 -25.33
N ARG B 403 12.28 -11.02 -24.36
CA ARG B 403 11.26 -11.21 -23.34
C ARG B 403 9.86 -11.38 -23.94
N TYR B 404 9.52 -10.56 -24.93
CA TYR B 404 8.23 -10.72 -25.60
C TYR B 404 8.10 -12.13 -26.18
N SER B 405 9.19 -12.69 -26.72
CA SER B 405 9.14 -14.05 -27.24
C SER B 405 8.92 -15.06 -26.13
N MET B 406 9.58 -14.87 -24.98
CA MET B 406 9.37 -15.77 -23.85
C MET B 406 7.93 -15.69 -23.33
N VAL B 407 7.37 -14.49 -23.25
CA VAL B 407 6.02 -14.33 -22.72
C VAL B 407 5.01 -14.98 -23.65
N THR B 408 5.11 -14.71 -24.94
CA THR B 408 4.09 -15.03 -25.93
C THR B 408 4.25 -16.42 -26.53
N PHE B 409 5.48 -16.82 -26.86
CA PHE B 409 5.75 -18.02 -27.64
C PHE B 409 6.30 -19.17 -26.80
N SER B 410 6.23 -19.08 -25.48
CA SER B 410 6.69 -20.17 -24.64
C SER B 410 5.79 -20.24 -23.41
N ARG B 411 5.98 -21.31 -22.65
CA ARG B 411 5.25 -21.54 -21.41
C ARG B 411 6.14 -21.34 -20.19
N LEU B 412 7.25 -20.64 -20.38
CA LEU B 412 8.13 -20.31 -19.27
C LEU B 412 7.32 -19.54 -18.22
N PRO B 413 7.43 -19.89 -16.94
CA PRO B 413 6.68 -19.14 -15.92
C PRO B 413 6.95 -17.64 -16.06
N TYR B 414 5.89 -16.86 -15.93
CA TYR B 414 5.97 -15.43 -16.15
C TYR B 414 7.13 -14.81 -15.40
N ALA B 415 7.38 -15.26 -14.17
CA ALA B 415 8.44 -14.67 -13.36
C ALA B 415 9.81 -14.90 -13.98
N GLN B 416 10.05 -16.10 -14.52
CA GLN B 416 11.33 -16.36 -15.18
C GLN B 416 11.48 -15.52 -16.44
N ALA B 417 10.41 -15.34 -17.19
CA ALA B 417 10.46 -14.47 -18.36
C ALA B 417 10.86 -13.05 -17.97
N MET B 418 10.29 -12.55 -16.86
CA MET B 418 10.64 -11.21 -16.42
C MET B 418 12.07 -11.16 -15.87
N ALA B 419 12.49 -12.21 -15.18
CA ALA B 419 13.84 -12.22 -14.59
C ALA B 419 14.91 -12.32 -15.68
N ARG B 420 14.74 -13.26 -16.61
CA ARG B 420 15.72 -13.38 -17.69
C ARG B 420 15.70 -12.16 -18.61
N GLY B 421 14.54 -11.52 -18.75
CA GLY B 421 14.47 -10.30 -19.56
C GLY B 421 15.26 -9.15 -18.97
N GLN B 422 15.34 -9.07 -17.64
CA GLN B 422 16.13 -8.03 -17.01
C GLN B 422 17.62 -8.33 -17.11
N ILE B 423 18.00 -9.61 -17.09
CA ILE B 423 19.38 -9.96 -17.35
C ILE B 423 19.78 -9.58 -18.78
N GLN B 424 18.86 -9.76 -19.73
CA GLN B 424 19.14 -9.41 -21.12
C GLN B 424 19.13 -7.91 -21.34
N GLU B 425 18.23 -7.20 -20.65
CA GLU B 425 18.15 -5.75 -20.83
C GLU B 425 19.41 -5.06 -20.31
N GLN B 426 19.88 -5.45 -19.12
CA GLN B 426 21.12 -4.90 -18.59
C GLN B 426 22.32 -5.30 -19.44
N LEU B 427 22.33 -6.55 -19.92
CA LEU B 427 23.43 -7.01 -20.76
C LEU B 427 23.54 -6.18 -22.03
N LEU B 428 22.41 -5.89 -22.69
CA LEU B 428 22.44 -4.97 -23.83
C LEU B 428 22.85 -3.58 -23.39
N LYS B 429 22.46 -3.17 -22.18
CA LYS B 429 22.73 -1.80 -21.72
C LYS B 429 24.22 -1.53 -21.59
N PHE B 430 24.97 -2.45 -20.97
CA PHE B 430 26.41 -2.24 -20.81
C PHE B 430 27.16 -2.36 -22.13
N ALA B 431 26.68 -3.19 -23.05
CA ALA B 431 27.41 -3.41 -24.30
C ALA B 431 27.25 -2.25 -25.26
N VAL B 432 26.10 -1.57 -25.24
CA VAL B 432 25.88 -0.44 -26.14
C VAL B 432 26.25 0.89 -25.51
N ALA B 433 26.53 0.92 -24.20
CA ALA B 433 26.87 2.17 -23.54
C ALA B 433 28.14 2.76 -24.14
N ASN B 434 28.06 4.04 -24.52
CA ASN B 434 29.18 4.79 -25.09
C ASN B 434 29.64 4.18 -26.42
N HIS B 435 28.74 3.52 -27.13
CA HIS B 435 29.00 2.97 -28.46
C HIS B 435 27.93 3.47 -29.41
N SER B 436 28.35 4.15 -30.47
CA SER B 436 27.40 4.74 -31.42
C SER B 436 26.86 3.69 -32.39
N ASP B 437 27.75 3.09 -33.18
CA ASP B 437 27.37 2.07 -34.14
C ASP B 437 27.62 0.68 -33.58
N LEU B 438 27.02 -0.31 -34.23
CA LEU B 438 27.30 -1.71 -33.94
C LEU B 438 28.72 -2.10 -34.34
N THR B 439 29.39 -1.26 -35.13
CA THR B 439 30.75 -1.54 -35.57
C THR B 439 31.75 -1.43 -34.42
N SER B 440 31.43 -0.64 -33.39
CA SER B 440 32.32 -0.43 -32.26
C SER B 440 32.03 -1.39 -31.11
N ILE B 441 31.14 -2.35 -31.29
CA ILE B 441 30.77 -3.31 -30.25
C ILE B 441 31.43 -4.65 -30.55
N ASN B 442 32.16 -5.19 -29.57
CA ASN B 442 32.80 -6.49 -29.71
C ASN B 442 31.77 -7.58 -29.51
N LEU B 443 31.41 -8.28 -30.59
CA LEU B 443 30.30 -9.24 -30.53
C LEU B 443 30.66 -10.51 -29.76
N ASP B 444 31.93 -10.94 -29.83
CA ASP B 444 32.32 -12.14 -29.09
C ASP B 444 32.32 -11.90 -27.58
N ALA B 445 32.59 -10.67 -27.15
CA ALA B 445 32.57 -10.37 -25.72
C ALA B 445 31.14 -10.31 -25.18
N VAL B 446 30.21 -9.77 -25.98
CA VAL B 446 28.81 -9.72 -25.56
C VAL B 446 28.25 -11.12 -25.41
N GLU B 447 28.60 -12.01 -26.34
CA GLU B 447 28.12 -13.39 -26.26
C GLU B 447 28.67 -14.11 -25.03
N HIS B 448 29.86 -13.71 -24.54
CA HIS B 448 30.42 -14.33 -23.35
C HIS B 448 29.56 -14.06 -22.12
N GLU B 449 29.12 -12.81 -21.92
CA GLU B 449 28.24 -12.51 -20.81
C GLU B 449 26.87 -13.14 -20.98
N VAL B 450 26.45 -13.38 -22.22
CA VAL B 450 25.21 -14.12 -22.44
C VAL B 450 25.34 -15.53 -21.89
N THR B 451 26.46 -16.19 -22.18
CA THR B 451 26.66 -17.54 -21.67
C THR B 451 26.97 -17.55 -20.17
N ARG B 452 27.53 -16.46 -19.64
CA ARG B 452 27.85 -16.40 -18.22
C ARG B 452 26.61 -16.12 -17.36
N CYS B 453 25.68 -15.32 -17.87
CA CYS B 453 24.55 -14.88 -17.07
C CYS B 453 23.22 -15.52 -17.44
N LEU B 454 23.12 -16.14 -18.61
CA LEU B 454 21.85 -16.75 -19.06
C LEU B 454 22.02 -18.24 -19.27
N PRO B 455 21.62 -19.08 -18.32
CA PRO B 455 21.68 -20.52 -18.54
C PRO B 455 20.74 -20.93 -19.65
N PRO B 456 21.05 -22.00 -20.39
CA PRO B 456 20.24 -22.35 -21.55
C PRO B 456 18.91 -22.98 -21.14
N LEU B 457 17.92 -22.83 -22.00
CA LEU B 457 16.60 -23.42 -21.77
C LEU B 457 16.25 -24.47 -22.83
PA FAD C . 1.54 17.86 28.02
O1A FAD C . 0.76 16.81 28.77
O2A FAD C . 3.00 17.81 27.71
O5B FAD C . 1.23 19.26 28.75
C5B FAD C . -0.09 19.56 29.14
C4B FAD C . 0.06 20.60 30.21
O4B FAD C . -1.24 21.11 30.47
C3B FAD C . 0.62 20.08 31.54
O3B FAD C . 1.57 21.04 31.97
C2B FAD C . -0.63 20.05 32.43
O2B FAD C . -0.32 20.18 33.78
C1B FAD C . -1.42 21.24 31.84
N9A FAD C . -2.83 21.26 32.10
C8A FAD C . -3.71 20.21 31.96
N7A FAD C . -4.92 20.53 32.24
C5A FAD C . -4.88 21.85 32.57
C6A FAD C . -5.87 22.77 32.97
N6A FAD C . -7.15 22.44 33.11
N1A FAD C . -5.49 24.03 33.25
C2A FAD C . -4.21 24.35 33.12
N3A FAD C . -3.19 23.58 32.75
C4A FAD C . -3.58 22.33 32.48
N1 FAD C . 6.18 11.19 23.08
C2 FAD C . 7.33 11.22 22.36
O2 FAD C . 7.54 12.02 21.47
N3 FAD C . 8.33 10.30 22.67
C4 FAD C . 8.29 9.34 23.62
O4 FAD C . 9.23 8.60 23.81
C4X FAD C . 7.01 9.33 24.40
N5 FAD C . 6.84 8.46 25.34
C5X FAD C . 5.67 8.47 26.01
C6 FAD C . 5.48 7.52 27.03
C7 FAD C . 4.33 7.46 27.78
C7M FAD C . 4.19 6.43 28.86
C8 FAD C . 3.29 8.39 27.49
C8M FAD C . 2.02 8.36 28.28
C9 FAD C . 3.45 9.33 26.49
C9A FAD C . 4.63 9.40 25.74
N10 FAD C . 4.84 10.32 24.72
C10 FAD C . 6.02 10.31 24.02
C1' FAD C . 3.81 11.32 24.39
C2' FAD C . 4.08 12.69 25.08
O2' FAD C . 4.43 12.53 26.43
C3' FAD C . 2.91 13.69 24.97
O3' FAD C . 2.34 13.56 23.69
C4' FAD C . 3.36 15.16 25.16
O4' FAD C . 3.66 15.43 26.52
C5' FAD C . 2.25 16.06 24.65
O5' FAD C . 2.64 17.40 24.88
P FAD C . 1.52 18.54 25.14
O1P FAD C . 0.51 18.39 24.07
O2P FAD C . 2.18 19.86 25.49
O3P FAD C . 0.84 18.07 26.56
PA FAD D . -13.98 -13.29 -18.00
O1A FAD D . -13.48 -13.98 -19.22
O2A FAD D . -14.24 -11.81 -17.86
O5B FAD D . -15.30 -14.09 -17.55
C5B FAD D . -15.99 -13.65 -16.39
C4B FAD D . -17.33 -14.36 -16.41
O4B FAD D . -17.96 -14.24 -15.14
C3B FAD D . -18.31 -13.78 -17.43
O3B FAD D . -19.04 -14.85 -17.97
C2B FAD D . -19.15 -12.87 -16.54
O2B FAD D . -20.36 -12.52 -17.15
C1B FAD D . -19.26 -13.75 -15.30
N9A FAD D . -19.67 -13.08 -14.08
C8A FAD D . -19.25 -11.86 -13.61
N7A FAD D . -19.80 -11.52 -12.49
C5A FAD D . -20.64 -12.55 -12.18
C6A FAD D . -21.50 -12.80 -11.09
N6A FAD D . -21.66 -11.94 -10.09
N1A FAD D . -22.20 -13.94 -11.10
C2A FAD D . -22.04 -14.79 -12.11
N3A FAD D . -21.25 -14.68 -13.16
C4A FAD D . -20.57 -13.53 -13.15
N1 FAD D . -6.26 -11.10 -22.92
C2 FAD D . -5.47 -11.81 -23.77
O2 FAD D . -4.93 -12.85 -23.48
N3 FAD D . -5.24 -11.31 -25.05
C4 FAD D . -5.73 -10.16 -25.57
O4 FAD D . -5.48 -9.81 -26.70
C4X FAD D . -6.58 -9.40 -24.62
N5 FAD D . -7.10 -8.28 -25.02
C5X FAD D . -7.88 -7.59 -24.15
C6 FAD D . -8.43 -6.39 -24.59
C7 FAD D . -9.22 -5.61 -23.78
C7M FAD D . -9.81 -4.33 -24.28
C8 FAD D . -9.49 -6.09 -22.46
C8M FAD D . -10.35 -5.29 -21.54
C9 FAD D . -8.95 -7.28 -22.02
C9A FAD D . -8.14 -8.07 -22.84
N10 FAD D . -7.56 -9.27 -22.44
C10 FAD D . -6.78 -9.97 -23.31
C1' FAD D . -7.79 -9.84 -21.10
C2' FAD D . -8.95 -10.87 -21.12
O2' FAD D . -10.06 -10.35 -21.81
C3' FAD D . -9.35 -11.28 -19.69
O3' FAD D . -8.14 -11.29 -18.98
C4' FAD D . -10.05 -12.67 -19.63
O4' FAD D . -11.33 -12.64 -20.20
C5' FAD D . -10.12 -13.16 -18.19
O5' FAD D . -10.89 -14.35 -18.20
P FAD D . -11.76 -14.80 -16.90
O1P FAD D . -10.88 -14.64 -15.71
O2P FAD D . -12.52 -16.07 -17.18
O3P FAD D . -12.92 -13.63 -16.82
CL CL E . -3.98 -8.62 -20.71
C4 A1AI5 F . -1.29 -7.21 -27.32
C5 A1AI5 F . -2.21 -8.11 -27.83
C6 A1AI5 F . -3.56 -7.84 -27.75
C7 A1AI5 F . -4.02 -6.70 -27.14
C8 A1AI5 F . -3.10 -5.80 -26.64
C9 A1AI5 F . -1.74 -6.04 -26.72
N1 A1AI5 F . 2.02 -6.16 -29.24
N2 A1AI5 F . 3.16 -5.83 -29.81
C3 A1AI5 F . 2.24 -6.20 -27.96
N3 A1AI5 F . 4.03 -5.69 -28.83
C1 A1AI5 F . 0.16 -7.53 -27.44
C2 A1AI5 F . 1.19 -6.54 -26.95
N4 A1AI5 F . 3.48 -5.92 -27.65
O1 A1AI5 F . 0.52 -8.61 -27.89
CL1 A1AI5 F . -3.67 -4.34 -25.88
#